data_9OKU
# 
_entry.id   9OKU 
# 
_audit_conform.dict_name       mmcif_pdbx.dic 
_audit_conform.dict_version    5.407 
_audit_conform.dict_location   http://mmcif.pdb.org/dictionaries/ascii/mmcif_pdbx.dic 
# 
loop_
_database_2.database_id 
_database_2.database_code 
_database_2.pdbx_database_accession 
_database_2.pdbx_DOI 
PDB   9OKU         pdb_00009oku 10.2210/pdb9oku/pdb 
WWPDB D_1000294997 ?            ?                   
# 
loop_
_pdbx_audit_revision_history.ordinal 
_pdbx_audit_revision_history.data_content_type 
_pdbx_audit_revision_history.major_revision 
_pdbx_audit_revision_history.minor_revision 
_pdbx_audit_revision_history.revision_date 
_pdbx_audit_revision_history.part_number 
1 'Structure model' 1 0 2025-10-22 ? 
2 'Structure model' 1 1 2025-11-26 ? 
# 
_pdbx_audit_revision_details.ordinal             1 
_pdbx_audit_revision_details.revision_ordinal    1 
_pdbx_audit_revision_details.data_content_type   'Structure model' 
_pdbx_audit_revision_details.provider            repository 
_pdbx_audit_revision_details.type                'Initial release' 
_pdbx_audit_revision_details.description         ? 
_pdbx_audit_revision_details.details             ? 
# 
_pdbx_audit_revision_group.ordinal             1 
_pdbx_audit_revision_group.revision_ordinal    2 
_pdbx_audit_revision_group.data_content_type   'Structure model' 
_pdbx_audit_revision_group.group               'Database references' 
# 
loop_
_pdbx_audit_revision_category.ordinal 
_pdbx_audit_revision_category.revision_ordinal 
_pdbx_audit_revision_category.data_content_type 
_pdbx_audit_revision_category.category 
1 2 'Structure model' citation        
2 2 'Structure model' citation_author 
# 
_pdbx_database_status.status_code                     REL 
_pdbx_database_status.status_code_sf                  REL 
_pdbx_database_status.status_code_mr                  ? 
_pdbx_database_status.entry_id                        9OKU 
_pdbx_database_status.recvd_initial_deposition_date   2025-05-11 
_pdbx_database_status.SG_entry                        N 
_pdbx_database_status.deposit_site                    RCSB 
_pdbx_database_status.process_site                    RCSB 
_pdbx_database_status.status_code_cs                  ? 
_pdbx_database_status.status_code_nmr_data            ? 
_pdbx_database_status.methods_development_category    ? 
_pdbx_database_status.pdb_format_compatible           Y 
# 
_pdbx_contact_author.id                 2 
_pdbx_contact_author.email              jwszostak@uchicago.edu 
_pdbx_contact_author.name_first         Jack 
_pdbx_contact_author.name_last          Szostak 
_pdbx_contact_author.name_mi            W 
_pdbx_contact_author.role               'principal investigator/group leader' 
_pdbx_contact_author.identifier_ORCID   0000-0003-4131-1203 
# 
loop_
_audit_author.name 
_audit_author.pdbx_ordinal 
_audit_author.identifier_ORCID 
'Fang, Z.'      1 0000-0001-8679-6633 
'Szostak, J.W.' 2 0000-0003-4131-1203 
# 
loop_
_citation.abstract 
_citation.abstract_id_CAS 
_citation.book_id_ISBN 
_citation.book_publisher 
_citation.book_publisher_city 
_citation.book_title 
_citation.coordinate_linkage 
_citation.country 
_citation.database_id_Medline 
_citation.details 
_citation.id 
_citation.journal_abbrev 
_citation.journal_id_ASTM 
_citation.journal_id_CSD 
_citation.journal_id_ISSN 
_citation.journal_full 
_citation.journal_issue 
_citation.journal_volume 
_citation.language 
_citation.page_first 
_citation.page_last 
_citation.title 
_citation.year 
_citation.database_id_CSD 
_citation.pdbx_database_id_DOI 
_citation.pdbx_database_id_PubMed 
_citation.pdbx_database_id_patent 
_citation.unpublished_flag 
? ? ? ? ? ? ? UK ? ? primary 'Nucleic Acids Res.' NARHAD 0389 1362-4962 ? ? 53 ? ? ? 
;Impact of 2'-deoxyribo-purine substrates on nonenzymatic RNA template-directed primer extension.
;
2025 ? 10.1093/nar/gkaf1228      41261857 ? ? 
? ? ? ? ? ? ? US ? ? 1       Biorxiv              ?      ?    2692-8205 ? ? ?  ? ? ? 
;Impact of 2'-deoxyribo-purine substrates on nonenzymatic RNA template-directed primer extension.
;
2025 ? 10.1101/2025.08.29.673048 40909494 ? ? 
# 
loop_
_citation_author.citation_id 
_citation_author.name 
_citation_author.ordinal 
_citation_author.identifier_ORCID 
primary 'Fang, Z.'      1  0000-0001-8679-6633 
primary 'Acikgoz, O.'   2  ?                   
primary 'Jia, X.'       3  0000-0001-9094-9882 
primary 'Essex, J.'     4  ?                   
primary 'Wen, R.'       5  ?                   
primary 'Szostak, J.W.' 6  0000-0003-4131-1203 
1       'Fang, Z.'      7  0000-0001-8679-6633 
1       'Acikgoz, O.'   8  0009-0001-3296-1637 
1       'Jia, X.'       9  0000-0001-9094-9882 
1       'Essex, J.'     10 0009-0003-6281-4798 
1       'Wen, R.'       11 ?                   
1       'Szostak, J.W.' 12 0000-0003-4131-1203 
# 
loop_
_entity.id 
_entity.type 
_entity.src_method 
_entity.pdbx_description 
_entity.formula_weight 
_entity.pdbx_number_of_molecules 
_entity.pdbx_ec 
_entity.pdbx_mutation 
_entity.pdbx_fragment 
_entity.details 
1 polymer     syn 
;DNA/RNA (5'-R(*AP*GP*AP*G)-D(P*A)-R(P*AP*GP*AP*UP*CP*U)-3')
;
5083.130 1   ? ? ? ? 
2 non-polymer syn 'MAGNESIUM ION'                                               24.305   1   ? ? ? ? 
3 water       nat water                                                         18.015   101 ? ? ? ? 
# 
_entity_poly.entity_id                      1 
_entity_poly.type                           'polydeoxyribonucleotide/polyribonucleotide hybrid' 
_entity_poly.nstd_linkage                   no 
_entity_poly.nstd_monomer                   yes 
_entity_poly.pdbx_seq_one_letter_code       'AGAG(DA)AGAUCU(SUR)CUCU' 
_entity_poly.pdbx_seq_one_letter_code_can   AGAGAAGAUCUUCUCU 
_entity_poly.pdbx_strand_id                 A 
_entity_poly.pdbx_target_identifier         ? 
# 
loop_
_pdbx_entity_nonpoly.entity_id 
_pdbx_entity_nonpoly.name 
_pdbx_entity_nonpoly.comp_id 
2 'MAGNESIUM ION' MG  
3 water           HOH 
# 
loop_
_entity_poly_seq.entity_id 
_entity_poly_seq.num 
_entity_poly_seq.mon_id 
_entity_poly_seq.hetero 
1 1  A   n 
1 2  G   n 
1 3  A   n 
1 4  G   n 
1 5  DA  n 
1 6  A   n 
1 7  G   n 
1 8  A   n 
1 9  U   n 
1 10 C   n 
1 11 U   n 
1 12 SUR n 
1 13 C   n 
1 14 U   n 
1 15 C   n 
1 16 U   n 
# 
_pdbx_entity_src_syn.entity_id              1 
_pdbx_entity_src_syn.pdbx_src_id            1 
_pdbx_entity_src_syn.pdbx_alt_source_flag   sample 
_pdbx_entity_src_syn.pdbx_beg_seq_num       1 
_pdbx_entity_src_syn.pdbx_end_seq_num       16 
_pdbx_entity_src_syn.organism_scientific    'synthetic construct' 
_pdbx_entity_src_syn.organism_common_name   ? 
_pdbx_entity_src_syn.ncbi_taxonomy_id       32630 
_pdbx_entity_src_syn.details                ? 
# 
loop_
_chem_comp.id 
_chem_comp.type 
_chem_comp.mon_nstd_flag 
_chem_comp.name 
_chem_comp.pdbx_synonyms 
_chem_comp.formula 
_chem_comp.formula_weight 
A   'RNA linking' y "ADENOSINE-5'-MONOPHOSPHATE"                          ? 'C10 H14 N5 O7 P'  347.221 
C   'RNA linking' y "CYTIDINE-5'-MONOPHOSPHATE"                           ? 'C9 H14 N3 O8 P'   323.197 
DA  'DNA linking' y "2'-DEOXYADENOSINE-5'-MONOPHOSPHATE"                  ? 'C10 H14 N5 O6 P'  331.222 
G   'RNA linking' y "GUANOSINE-5'-MONOPHOSPHATE"                          ? 'C10 H14 N5 O8 P'  363.221 
HOH non-polymer   . WATER                                                 ? 'H2 O'             18.015  
MG  non-polymer   . 'MAGNESIUM ION'                                       ? 'Mg 2'             24.305  
SUR 'RNA linking' n "1-(BETA-D-RIBOFURANOSYL)-2-THIO-URACIL-5'-PHOSPHATE" ? 'C9 H13 N2 O8 P S' 340.247 
U   'RNA linking' y "URIDINE-5'-MONOPHOSPHATE"                            ? 'C9 H13 N2 O9 P'   324.181 
# 
loop_
_pdbx_poly_seq_scheme.asym_id 
_pdbx_poly_seq_scheme.entity_id 
_pdbx_poly_seq_scheme.seq_id 
_pdbx_poly_seq_scheme.mon_id 
_pdbx_poly_seq_scheme.ndb_seq_num 
_pdbx_poly_seq_scheme.pdb_seq_num 
_pdbx_poly_seq_scheme.auth_seq_num 
_pdbx_poly_seq_scheme.pdb_mon_id 
_pdbx_poly_seq_scheme.auth_mon_id 
_pdbx_poly_seq_scheme.pdb_strand_id 
_pdbx_poly_seq_scheme.pdb_ins_code 
_pdbx_poly_seq_scheme.hetero 
A 1 1  A   1  1  1  A   A   A . n 
A 1 2  G   2  2  2  G   G   A . n 
A 1 3  A   3  3  3  A   A   A . n 
A 1 4  G   4  4  4  G   G   A . n 
A 1 5  DA  5  5  5  DA  DA  A . n 
A 1 6  A   6  6  6  A   A   A . n 
A 1 7  G   7  7  7  G   G   A . n 
A 1 8  A   8  8  8  A   A   A . n 
A 1 9  U   9  9  9  U   U   A . n 
A 1 10 C   10 10 10 C   C   A . n 
A 1 11 U   11 11 11 U   U   A . n 
A 1 12 SUR 12 12 12 SUR SUR A . n 
A 1 13 C   13 13 13 C   C   A . n 
A 1 14 U   14 14 14 U   U   A . n 
A 1 15 C   15 15 15 C   C   A . n 
A 1 16 U   16 16 16 U   U   A . n 
# 
_pdbx_entity_instance_feature.ordinal        1 
_pdbx_entity_instance_feature.comp_id        SUR 
_pdbx_entity_instance_feature.asym_id        ? 
_pdbx_entity_instance_feature.seq_num        ? 
_pdbx_entity_instance_feature.auth_comp_id   SUR 
_pdbx_entity_instance_feature.auth_asym_id   ? 
_pdbx_entity_instance_feature.auth_seq_num   ? 
_pdbx_entity_instance_feature.feature_type   'SUBJECT OF INVESTIGATION' 
_pdbx_entity_instance_feature.details        ? 
# 
loop_
_pdbx_nonpoly_scheme.asym_id 
_pdbx_nonpoly_scheme.entity_id 
_pdbx_nonpoly_scheme.mon_id 
_pdbx_nonpoly_scheme.ndb_seq_num 
_pdbx_nonpoly_scheme.pdb_seq_num 
_pdbx_nonpoly_scheme.auth_seq_num 
_pdbx_nonpoly_scheme.pdb_mon_id 
_pdbx_nonpoly_scheme.auth_mon_id 
_pdbx_nonpoly_scheme.pdb_strand_id 
_pdbx_nonpoly_scheme.pdb_ins_code 
B 2 MG  1   101 1   MG  MG  A . 
C 3 HOH 1   201 40  HOH HOH A . 
C 3 HOH 2   202 91  HOH HOH A . 
C 3 HOH 3   203 103 HOH HOH A . 
C 3 HOH 4   204 58  HOH HOH A . 
C 3 HOH 5   205 96  HOH HOH A . 
C 3 HOH 6   206 48  HOH HOH A . 
C 3 HOH 7   207 74  HOH HOH A . 
C 3 HOH 8   208 55  HOH HOH A . 
C 3 HOH 9   209 73  HOH HOH A . 
C 3 HOH 10  210 61  HOH HOH A . 
C 3 HOH 11  211 39  HOH HOH A . 
C 3 HOH 12  212 30  HOH HOH A . 
C 3 HOH 13  213 21  HOH HOH A . 
C 3 HOH 14  214 3   HOH HOH A . 
C 3 HOH 15  215 15  HOH HOH A . 
C 3 HOH 16  216 80  HOH HOH A . 
C 3 HOH 17  217 57  HOH HOH A . 
C 3 HOH 18  218 46  HOH HOH A . 
C 3 HOH 19  219 41  HOH HOH A . 
C 3 HOH 20  220 69  HOH HOH A . 
C 3 HOH 21  221 9   HOH HOH A . 
C 3 HOH 22  222 56  HOH HOH A . 
C 3 HOH 23  223 24  HOH HOH A . 
C 3 HOH 24  224 6   HOH HOH A . 
C 3 HOH 25  225 101 HOH HOH A . 
C 3 HOH 26  226 14  HOH HOH A . 
C 3 HOH 27  227 88  HOH HOH A . 
C 3 HOH 28  228 87  HOH HOH A . 
C 3 HOH 29  229 67  HOH HOH A . 
C 3 HOH 30  230 104 HOH HOH A . 
C 3 HOH 31  231 34  HOH HOH A . 
C 3 HOH 32  232 4   HOH HOH A . 
C 3 HOH 33  233 28  HOH HOH A . 
C 3 HOH 34  234 37  HOH HOH A . 
C 3 HOH 35  235 78  HOH HOH A . 
C 3 HOH 36  236 65  HOH HOH A . 
C 3 HOH 37  237 50  HOH HOH A . 
C 3 HOH 38  238 63  HOH HOH A . 
C 3 HOH 39  239 35  HOH HOH A . 
C 3 HOH 40  240 36  HOH HOH A . 
C 3 HOH 41  241 5   HOH HOH A . 
C 3 HOH 42  242 53  HOH HOH A . 
C 3 HOH 43  243 29  HOH HOH A . 
C 3 HOH 44  244 62  HOH HOH A . 
C 3 HOH 45  245 17  HOH HOH A . 
C 3 HOH 46  246 12  HOH HOH A . 
C 3 HOH 47  247 102 HOH HOH A . 
C 3 HOH 48  248 20  HOH HOH A . 
C 3 HOH 49  249 8   HOH HOH A . 
C 3 HOH 50  250 43  HOH HOH A . 
C 3 HOH 51  251 2   HOH HOH A . 
C 3 HOH 52  252 1   HOH HOH A . 
C 3 HOH 53  253 31  HOH HOH A . 
C 3 HOH 54  254 18  HOH HOH A . 
C 3 HOH 55  255 59  HOH HOH A . 
C 3 HOH 56  256 98  HOH HOH A . 
C 3 HOH 57  257 38  HOH HOH A . 
C 3 HOH 58  258 13  HOH HOH A . 
C 3 HOH 59  259 22  HOH HOH A . 
C 3 HOH 60  260 25  HOH HOH A . 
C 3 HOH 61  261 97  HOH HOH A . 
C 3 HOH 62  262 99  HOH HOH A . 
C 3 HOH 63  263 83  HOH HOH A . 
C 3 HOH 64  264 82  HOH HOH A . 
C 3 HOH 65  265 33  HOH HOH A . 
C 3 HOH 66  266 7   HOH HOH A . 
C 3 HOH 67  267 75  HOH HOH A . 
C 3 HOH 68  268 47  HOH HOH A . 
C 3 HOH 69  269 52  HOH HOH A . 
C 3 HOH 70  270 66  HOH HOH A . 
C 3 HOH 71  271 27  HOH HOH A . 
C 3 HOH 72  272 71  HOH HOH A . 
C 3 HOH 73  273 95  HOH HOH A . 
C 3 HOH 74  274 16  HOH HOH A . 
C 3 HOH 75  275 23  HOH HOH A . 
C 3 HOH 76  276 42  HOH HOH A . 
C 3 HOH 77  277 64  HOH HOH A . 
C 3 HOH 78  278 89  HOH HOH A . 
C 3 HOH 79  279 77  HOH HOH A . 
C 3 HOH 80  280 60  HOH HOH A . 
C 3 HOH 81  281 19  HOH HOH A . 
C 3 HOH 82  282 68  HOH HOH A . 
C 3 HOH 83  283 11  HOH HOH A . 
C 3 HOH 84  284 92  HOH HOH A . 
C 3 HOH 85  285 54  HOH HOH A . 
C 3 HOH 86  286 45  HOH HOH A . 
C 3 HOH 87  287 72  HOH HOH A . 
C 3 HOH 88  288 100 HOH HOH A . 
C 3 HOH 89  289 84  HOH HOH A . 
C 3 HOH 90  290 90  HOH HOH A . 
C 3 HOH 91  291 70  HOH HOH A . 
C 3 HOH 92  292 44  HOH HOH A . 
C 3 HOH 93  293 10  HOH HOH A . 
C 3 HOH 94  294 93  HOH HOH A . 
C 3 HOH 95  295 79  HOH HOH A . 
C 3 HOH 96  296 76  HOH HOH A . 
C 3 HOH 97  297 81  HOH HOH A . 
C 3 HOH 98  298 85  HOH HOH A . 
C 3 HOH 99  299 86  HOH HOH A . 
C 3 HOH 100 300 105 HOH HOH A . 
C 3 HOH 101 301 94  HOH HOH A . 
# 
loop_
_software.citation_id 
_software.classification 
_software.compiler_name 
_software.compiler_version 
_software.contact_author 
_software.contact_author_email 
_software.date 
_software.description 
_software.dependencies 
_software.hardware 
_software.language 
_software.location 
_software.mods 
_software.name 
_software.os 
_software.os_version 
_software.type 
_software.version 
_software.pdbx_reference_DOI 
_software.pdbx_ordinal 
? refinement       ? ? ? ? ? ? ? ? ? ? ? REFMAC   ? ? ? 5.8.0425 ? 1 
? 'data reduction' ? ? ? ? ? ? ? ? ? ? ? HKL-2000 ? ? ? .        ? 2 
? 'data scaling'   ? ? ? ? ? ? ? ? ? ? ? HKL-2000 ? ? ? .        ? 3 
? phasing          ? ? ? ? ? ? ? ? ? ? ? PHASER   ? ? ? .        ? 4 
# 
_cell.angle_alpha                  90.000 
_cell.angle_alpha_esd              ? 
_cell.angle_beta                   90.000 
_cell.angle_beta_esd               ? 
_cell.angle_gamma                  120.000 
_cell.angle_gamma_esd              ? 
_cell.entry_id                     9OKU 
_cell.details                      ? 
_cell.formula_units_Z              ? 
_cell.length_a                     41.167 
_cell.length_a_esd                 ? 
_cell.length_b                     41.167 
_cell.length_b_esd                 ? 
_cell.length_c                     124.563 
_cell.length_c_esd                 ? 
_cell.volume                       ? 
_cell.volume_esd                   ? 
_cell.Z_PDB                        18 
_cell.reciprocal_angle_alpha       ? 
_cell.reciprocal_angle_beta        ? 
_cell.reciprocal_angle_gamma       ? 
_cell.reciprocal_angle_alpha_esd   ? 
_cell.reciprocal_angle_beta_esd    ? 
_cell.reciprocal_angle_gamma_esd   ? 
_cell.reciprocal_length_a          ? 
_cell.reciprocal_length_b          ? 
_cell.reciprocal_length_c          ? 
_cell.reciprocal_length_a_esd      ? 
_cell.reciprocal_length_b_esd      ? 
_cell.reciprocal_length_c_esd      ? 
_cell.pdbx_unique_axis             ? 
_cell.pdbx_esd_method              ? 
# 
_symmetry.entry_id                         9OKU 
_symmetry.cell_setting                     ? 
_symmetry.Int_Tables_number                155 
_symmetry.space_group_name_Hall            ? 
_symmetry.space_group_name_H-M             'H 3 2' 
_symmetry.pdbx_full_space_group_name_H-M   ? 
# 
_exptl.absorpt_coefficient_mu     ? 
_exptl.absorpt_correction_T_max   ? 
_exptl.absorpt_correction_T_min   ? 
_exptl.absorpt_correction_type    ? 
_exptl.absorpt_process_details    ? 
_exptl.entry_id                   9OKU 
_exptl.crystals_number            1 
_exptl.details                    ? 
_exptl.method                     'X-RAY DIFFRACTION' 
_exptl.method_details             ? 
# 
_exptl_crystal.colour                       ? 
_exptl_crystal.density_diffrn               ? 
_exptl_crystal.density_Matthews             1.99 
_exptl_crystal.density_method               ? 
_exptl_crystal.density_percent_sol          38.25 
_exptl_crystal.description                  ? 
_exptl_crystal.F_000                        ? 
_exptl_crystal.id                           1 
_exptl_crystal.preparation                  ? 
_exptl_crystal.size_max                     ? 
_exptl_crystal.size_mid                     ? 
_exptl_crystal.size_min                     ? 
_exptl_crystal.size_rad                     ? 
_exptl_crystal.colour_lustre                ? 
_exptl_crystal.colour_modifier              ? 
_exptl_crystal.colour_primary               ? 
_exptl_crystal.density_meas                 ? 
_exptl_crystal.density_meas_esd             ? 
_exptl_crystal.density_meas_gt              ? 
_exptl_crystal.density_meas_lt              ? 
_exptl_crystal.density_meas_temp            ? 
_exptl_crystal.density_meas_temp_esd        ? 
_exptl_crystal.density_meas_temp_gt         ? 
_exptl_crystal.density_meas_temp_lt         ? 
_exptl_crystal.pdbx_crystal_image_url       ? 
_exptl_crystal.pdbx_crystal_image_format    ? 
_exptl_crystal.pdbx_mosaicity               ? 
_exptl_crystal.pdbx_mosaicity_esd           ? 
_exptl_crystal.pdbx_mosaic_method           ? 
_exptl_crystal.pdbx_mosaic_block_size       ? 
_exptl_crystal.pdbx_mosaic_block_size_esd   ? 
# 
_exptl_crystal_grow.apparatus       ? 
_exptl_crystal_grow.atmosphere      ? 
_exptl_crystal_grow.crystal_id      1 
_exptl_crystal_grow.details         ? 
_exptl_crystal_grow.method          'VAPOR DIFFUSION, SITTING DROP' 
_exptl_crystal_grow.method_ref      ? 
_exptl_crystal_grow.pH              7.5 
_exptl_crystal_grow.pressure        ? 
_exptl_crystal_grow.pressure_esd    ? 
_exptl_crystal_grow.seeding         ? 
_exptl_crystal_grow.seeding_ref     ? 
_exptl_crystal_grow.temp_details    ? 
_exptl_crystal_grow.temp_esd        ? 
_exptl_crystal_grow.time            ? 
_exptl_crystal_grow.pdbx_details    
'0.2 M Magnesium chloride hexahydrate, 0.1 M HEPES sodium pH 7.5, 30% v/v Polyethylene glycol 400' 
_exptl_crystal_grow.pdbx_pH_range   ? 
_exptl_crystal_grow.temp            293 
# 
_diffrn.ambient_environment              ? 
_diffrn.ambient_temp                     99 
_diffrn.ambient_temp_details             ? 
_diffrn.ambient_temp_esd                 ? 
_diffrn.crystal_id                       1 
_diffrn.crystal_support                  ? 
_diffrn.crystal_treatment                ? 
_diffrn.details                          ? 
_diffrn.id                               1 
_diffrn.ambient_pressure                 ? 
_diffrn.ambient_pressure_esd             ? 
_diffrn.ambient_pressure_gt              ? 
_diffrn.ambient_pressure_lt              ? 
_diffrn.ambient_temp_gt                  ? 
_diffrn.ambient_temp_lt                  ? 
_diffrn.pdbx_serial_crystal_experiment   N 
# 
_diffrn_detector.details                      ? 
_diffrn_detector.detector                     PIXEL 
_diffrn_detector.diffrn_id                    1 
_diffrn_detector.type                         'DECTRIS PILATUS3 2M' 
_diffrn_detector.area_resol_mean              ? 
_diffrn_detector.dtime                        ? 
_diffrn_detector.pdbx_frames_total            ? 
_diffrn_detector.pdbx_collection_time_total   ? 
_diffrn_detector.pdbx_collection_date         2024-10-30 
_diffrn_detector.pdbx_frequency               ? 
_diffrn_detector.id                           ? 
_diffrn_detector.number_of_axes               ? 
# 
_diffrn_radiation.collimation                      ? 
_diffrn_radiation.diffrn_id                        1 
_diffrn_radiation.filter_edge                      ? 
_diffrn_radiation.inhomogeneity                    ? 
_diffrn_radiation.monochromator                    ? 
_diffrn_radiation.polarisn_norm                    ? 
_diffrn_radiation.polarisn_ratio                   ? 
_diffrn_radiation.probe                            ? 
_diffrn_radiation.type                             ? 
_diffrn_radiation.xray_symbol                      ? 
_diffrn_radiation.wavelength_id                    1 
_diffrn_radiation.pdbx_monochromatic_or_laue_m_l   M 
_diffrn_radiation.pdbx_wavelength_list             ? 
_diffrn_radiation.pdbx_wavelength                  ? 
_diffrn_radiation.pdbx_diffrn_protocol             'SINGLE WAVELENGTH' 
_diffrn_radiation.pdbx_analyzer                    ? 
_diffrn_radiation.pdbx_scattering_type             x-ray 
# 
_diffrn_radiation_wavelength.id           1 
_diffrn_radiation_wavelength.wavelength   0.97741 
_diffrn_radiation_wavelength.wt           1.0 
# 
_diffrn_source.current                     ? 
_diffrn_source.details                     ? 
_diffrn_source.diffrn_id                   1 
_diffrn_source.power                       ? 
_diffrn_source.size                        ? 
_diffrn_source.source                      SYNCHROTRON 
_diffrn_source.target                      ? 
_diffrn_source.type                        'ALS BEAMLINE 5.0.1' 
_diffrn_source.voltage                     ? 
_diffrn_source.take-off_angle              ? 
_diffrn_source.pdbx_wavelength_list        0.97741 
_diffrn_source.pdbx_wavelength             ? 
_diffrn_source.pdbx_synchrotron_beamline   5.0.1 
_diffrn_source.pdbx_synchrotron_site       ALS 
# 
_reflns.B_iso_Wilson_estimate                          ? 
_reflns.entry_id                                       9OKU 
_reflns.data_reduction_details                         ? 
_reflns.data_reduction_method                          ? 
_reflns.d_resolution_high                              1.479 
_reflns.d_resolution_low                               50 
_reflns.details                                        ? 
_reflns.limit_h_max                                    ? 
_reflns.limit_h_min                                    ? 
_reflns.limit_k_max                                    ? 
_reflns.limit_k_min                                    ? 
_reflns.limit_l_max                                    ? 
_reflns.limit_l_min                                    ? 
_reflns.number_all                                     ? 
_reflns.number_obs                                     7122 
_reflns.observed_criterion                             ? 
_reflns.observed_criterion_F_max                       ? 
_reflns.observed_criterion_F_min                       ? 
_reflns.observed_criterion_I_max                       ? 
_reflns.observed_criterion_I_min                       ? 
_reflns.observed_criterion_sigma_F                     ? 
_reflns.observed_criterion_sigma_I                     ? 
_reflns.percent_possible_obs                           100 
_reflns.R_free_details                                 ? 
_reflns.Rmerge_F_all                                   ? 
_reflns.Rmerge_F_obs                                   ? 
_reflns.Friedel_coverage                               ? 
_reflns.number_gt                                      ? 
_reflns.threshold_expression                           ? 
_reflns.pdbx_redundancy                                9.4 
_reflns.pdbx_netI_over_av_sigmaI                       ? 
_reflns.pdbx_netI_over_sigmaI                          33.0 
_reflns.pdbx_res_netI_over_av_sigmaI_2                 ? 
_reflns.pdbx_res_netI_over_sigmaI_2                    ? 
_reflns.pdbx_chi_squared                               0.982 
_reflns.pdbx_scaling_rejects                           ? 
_reflns.pdbx_d_res_high_opt                            ? 
_reflns.pdbx_d_res_low_opt                             ? 
_reflns.pdbx_d_res_opt_method                          ? 
_reflns.phase_calculation_details                      ? 
_reflns.pdbx_Rrim_I_all                                0.065 
_reflns.pdbx_Rpim_I_all                                0.022 
_reflns.pdbx_d_opt                                     ? 
_reflns.pdbx_number_measured_all                       ? 
_reflns.pdbx_diffrn_id                                 1 
_reflns.pdbx_ordinal                                   1 
_reflns.pdbx_CC_half                                   1.00 
_reflns.pdbx_CC_star                                   1.00 
_reflns.pdbx_R_split                                   ? 
_reflns.pdbx_Rmerge_I_obs                              0.061 
_reflns.pdbx_Rmerge_I_all                              ? 
_reflns.pdbx_Rsym_value                                ? 
_reflns.pdbx_CC_split_method                           ? 
_reflns.pdbx_aniso_diffraction_limit_axis_1_ortho[1]   ? 
_reflns.pdbx_aniso_diffraction_limit_axis_1_ortho[2]   ? 
_reflns.pdbx_aniso_diffraction_limit_axis_1_ortho[3]   ? 
_reflns.pdbx_aniso_diffraction_limit_axis_2_ortho[1]   ? 
_reflns.pdbx_aniso_diffraction_limit_axis_2_ortho[2]   ? 
_reflns.pdbx_aniso_diffraction_limit_axis_2_ortho[3]   ? 
_reflns.pdbx_aniso_diffraction_limit_axis_3_ortho[1]   ? 
_reflns.pdbx_aniso_diffraction_limit_axis_3_ortho[2]   ? 
_reflns.pdbx_aniso_diffraction_limit_axis_3_ortho[3]   ? 
_reflns.pdbx_aniso_diffraction_limit_1                 ? 
_reflns.pdbx_aniso_diffraction_limit_2                 ? 
_reflns.pdbx_aniso_diffraction_limit_3                 ? 
_reflns.pdbx_aniso_B_tensor_eigenvector_1_ortho[1]     ? 
_reflns.pdbx_aniso_B_tensor_eigenvector_1_ortho[2]     ? 
_reflns.pdbx_aniso_B_tensor_eigenvector_1_ortho[3]     ? 
_reflns.pdbx_aniso_B_tensor_eigenvector_2_ortho[1]     ? 
_reflns.pdbx_aniso_B_tensor_eigenvector_2_ortho[2]     ? 
_reflns.pdbx_aniso_B_tensor_eigenvector_2_ortho[3]     ? 
_reflns.pdbx_aniso_B_tensor_eigenvector_3_ortho[1]     ? 
_reflns.pdbx_aniso_B_tensor_eigenvector_3_ortho[2]     ? 
_reflns.pdbx_aniso_B_tensor_eigenvector_3_ortho[3]     ? 
_reflns.pdbx_aniso_B_tensor_eigenvalue_1               ? 
_reflns.pdbx_aniso_B_tensor_eigenvalue_2               ? 
_reflns.pdbx_aniso_B_tensor_eigenvalue_3               ? 
_reflns.pdbx_orthogonalization_convention              ? 
_reflns.pdbx_percent_possible_ellipsoidal              ? 
_reflns.pdbx_percent_possible_spherical                ? 
_reflns.pdbx_percent_possible_ellipsoidal_anomalous    ? 
_reflns.pdbx_percent_possible_spherical_anomalous      ? 
_reflns.pdbx_redundancy_anomalous                      ? 
_reflns.pdbx_CC_half_anomalous                         ? 
_reflns.pdbx_absDiff_over_sigma_anomalous              ? 
_reflns.pdbx_percent_possible_anomalous                ? 
_reflns.pdbx_observed_signal_threshold                 ? 
_reflns.pdbx_signal_type                               ? 
_reflns.pdbx_signal_details                            ? 
_reflns.pdbx_signal_software_id                        ? 
# 
_reflns_shell.d_res_high                                    1.479 
_reflns_shell.d_res_low                                     1.51 
_reflns_shell.meanI_over_sigI_all                           ? 
_reflns_shell.meanI_over_sigI_obs                           3.5 
_reflns_shell.number_measured_all                           ? 
_reflns_shell.number_measured_obs                           ? 
_reflns_shell.number_possible                               ? 
_reflns_shell.number_unique_all                             ? 
_reflns_shell.number_unique_obs                             344 
_reflns_shell.percent_possible_obs                          ? 
_reflns_shell.Rmerge_F_all                                  ? 
_reflns_shell.Rmerge_F_obs                                  ? 
_reflns_shell.meanI_over_sigI_gt                            ? 
_reflns_shell.meanI_over_uI_all                             ? 
_reflns_shell.meanI_over_uI_gt                              ? 
_reflns_shell.number_measured_gt                            ? 
_reflns_shell.number_unique_gt                              ? 
_reflns_shell.percent_possible_gt                           ? 
_reflns_shell.Rmerge_F_gt                                   ? 
_reflns_shell.Rmerge_I_gt                                   ? 
_reflns_shell.pdbx_redundancy                               8.6 
_reflns_shell.pdbx_chi_squared                              0.931 
_reflns_shell.pdbx_netI_over_sigmaI_all                     ? 
_reflns_shell.pdbx_netI_over_sigmaI_obs                     ? 
_reflns_shell.pdbx_Rrim_I_all                               0.609 
_reflns_shell.pdbx_Rpim_I_all                               0.204 
_reflns_shell.pdbx_rejects                                  ? 
_reflns_shell.pdbx_ordinal                                  1 
_reflns_shell.pdbx_diffrn_id                                1 
_reflns_shell.pdbx_CC_half                                  0.901 
_reflns_shell.pdbx_CC_star                                  0.974 
_reflns_shell.pdbx_R_split                                  ? 
_reflns_shell.percent_possible_all                          100 
_reflns_shell.Rmerge_I_all                                  ? 
_reflns_shell.Rmerge_I_obs                                  0.573 
_reflns_shell.pdbx_Rsym_value                               ? 
_reflns_shell.pdbx_percent_possible_ellipsoidal             ? 
_reflns_shell.pdbx_percent_possible_spherical               ? 
_reflns_shell.pdbx_percent_possible_ellipsoidal_anomalous   ? 
_reflns_shell.pdbx_percent_possible_spherical_anomalous     ? 
_reflns_shell.pdbx_redundancy_anomalous                     ? 
_reflns_shell.pdbx_CC_half_anomalous                        ? 
_reflns_shell.pdbx_absDiff_over_sigma_anomalous             ? 
_reflns_shell.pdbx_percent_possible_anomalous               ? 
# 
_refine.aniso_B[1][1]                            -0.000 
_refine.aniso_B[1][2]                            -0.000 
_refine.aniso_B[1][3]                            0.000 
_refine.aniso_B[2][2]                            -0.000 
_refine.aniso_B[2][3]                            0.000 
_refine.aniso_B[3][3]                            0.000 
_refine.B_iso_max                                ? 
_refine.B_iso_mean                               11.489 
_refine.B_iso_min                                ? 
_refine.correlation_coeff_Fo_to_Fc               0.973 
_refine.correlation_coeff_Fo_to_Fc_free          0.959 
_refine.details                                  'Hydrogens have been added in their riding positions' 
_refine.diff_density_max                         ? 
_refine.diff_density_max_esd                     ? 
_refine.diff_density_min                         ? 
_refine.diff_density_min_esd                     ? 
_refine.diff_density_rms                         ? 
_refine.diff_density_rms_esd                     ? 
_refine.entry_id                                 9OKU 
_refine.pdbx_refine_id                           'X-RAY DIFFRACTION' 
_refine.ls_abs_structure_details                 ? 
_refine.ls_abs_structure_Flack                   ? 
_refine.ls_abs_structure_Flack_esd               ? 
_refine.ls_abs_structure_Rogers                  ? 
_refine.ls_abs_structure_Rogers_esd              ? 
_refine.ls_d_res_high                            1.479 
_refine.ls_d_res_low                             41.521 
_refine.ls_extinction_coef                       ? 
_refine.ls_extinction_coef_esd                   ? 
_refine.ls_extinction_expression                 ? 
_refine.ls_extinction_method                     ? 
_refine.ls_goodness_of_fit_all                   ? 
_refine.ls_goodness_of_fit_all_esd               ? 
_refine.ls_goodness_of_fit_obs                   ? 
_refine.ls_goodness_of_fit_obs_esd               ? 
_refine.ls_hydrogen_treatment                    ? 
_refine.ls_matrix_type                           ? 
_refine.ls_number_constraints                    ? 
_refine.ls_number_parameters                     ? 
_refine.ls_number_reflns_all                     ? 
_refine.ls_number_reflns_obs                     7109 
_refine.ls_number_reflns_R_free                  348 
_refine.ls_number_reflns_R_work                  6761 
_refine.ls_number_restraints                     ? 
_refine.ls_percent_reflns_obs                    99.789 
_refine.ls_percent_reflns_R_free                 4.895 
_refine.ls_R_factor_all                          0.172 
_refine.ls_R_factor_obs                          ? 
_refine.ls_R_factor_R_free                       0.2115 
_refine.ls_R_factor_R_free_error                 ? 
_refine.ls_R_factor_R_free_error_details         ? 
_refine.ls_R_factor_R_work                       0.1697 
_refine.ls_R_Fsqd_factor_obs                     ? 
_refine.ls_R_I_factor_obs                        ? 
_refine.ls_redundancy_reflns_all                 ? 
_refine.ls_redundancy_reflns_obs                 ? 
_refine.ls_restrained_S_all                      ? 
_refine.ls_restrained_S_obs                      ? 
_refine.ls_shift_over_esd_max                    ? 
_refine.ls_shift_over_esd_mean                   ? 
_refine.ls_structure_factor_coef                 ? 
_refine.ls_weighting_details                     ? 
_refine.ls_weighting_scheme                      ? 
_refine.ls_wR_factor_all                         ? 
_refine.ls_wR_factor_obs                         ? 
_refine.ls_wR_factor_R_free                      ? 
_refine.ls_wR_factor_R_work                      ? 
_refine.occupancy_max                            ? 
_refine.occupancy_min                            ? 
_refine.solvent_model_details                    'MASK BULK SOLVENT' 
_refine.solvent_model_param_bsol                 ? 
_refine.solvent_model_param_ksol                 ? 
_refine.correlation_coeff_I_to_Fcsqd_work        ? 
_refine.correlation_coeff_I_to_Fcsqd_free        ? 
_refine.pdbx_R_complete                          ? 
_refine.ls_R_factor_gt                           ? 
_refine.ls_goodness_of_fit_gt                    ? 
_refine.ls_goodness_of_fit_ref                   ? 
_refine.ls_shift_over_su_max                     ? 
_refine.ls_shift_over_su_max_lt                  ? 
_refine.ls_shift_over_su_mean                    ? 
_refine.ls_shift_over_su_mean_lt                 ? 
_refine.pdbx_ls_sigma_I                          ? 
_refine.pdbx_ls_sigma_F                          ? 
_refine.pdbx_ls_sigma_Fsqd                       ? 
_refine.pdbx_data_cutoff_high_absF               ? 
_refine.pdbx_data_cutoff_high_rms_absF           ? 
_refine.pdbx_data_cutoff_low_absF                ? 
_refine.pdbx_isotropic_thermal_model             ? 
_refine.pdbx_ls_cross_valid_method               THROUGHOUT 
_refine.pdbx_method_to_determine_struct          'MOLECULAR REPLACEMENT' 
_refine.pdbx_starting_model                      ? 
_refine.pdbx_stereochemistry_target_values       ? 
_refine.pdbx_R_Free_selection_details            ? 
_refine.pdbx_stereochem_target_val_spec_case     ? 
_refine.pdbx_overall_ESU_R                       0.075 
_refine.pdbx_overall_ESU_R_Free                  0.081 
_refine.pdbx_solvent_vdw_probe_radii             1.200 
_refine.pdbx_solvent_ion_probe_radii             0.800 
_refine.pdbx_solvent_shrinkage_radii             0.800 
_refine.pdbx_real_space_R                        ? 
_refine.pdbx_density_correlation                 ? 
_refine.pdbx_pd_number_of_powder_patterns        ? 
_refine.pdbx_pd_number_of_points                 ? 
_refine.pdbx_pd_meas_number_of_points            ? 
_refine.pdbx_pd_proc_ls_prof_R_factor            ? 
_refine.pdbx_pd_proc_ls_prof_wR_factor           ? 
_refine.pdbx_pd_Marquardt_correlation_coeff      ? 
_refine.pdbx_pd_Fsqrd_R_factor                   ? 
_refine.pdbx_pd_ls_matrix_band_width             ? 
_refine.pdbx_overall_phase_error                 ? 
_refine.pdbx_overall_SU_R_free_Cruickshank_DPI   ? 
_refine.pdbx_overall_SU_R_free_Blow_DPI          ? 
_refine.pdbx_overall_SU_R_Blow_DPI               ? 
_refine.pdbx_TLS_residual_ADP_flag               ? 
_refine.pdbx_diffrn_id                           1 
_refine.overall_SU_B                             1.380 
_refine.overall_SU_ML                            0.051 
_refine.overall_SU_R_Cruickshank_DPI             ? 
_refine.overall_SU_R_free                        ? 
_refine.overall_FOM_free_R_set                   ? 
_refine.overall_FOM_work_R_set                   ? 
_refine.pdbx_average_fsc_overall                 ? 
_refine.pdbx_average_fsc_work                    ? 
_refine.pdbx_average_fsc_free                    ? 
# 
_refine_hist.pdbx_refine_id                   'X-RAY DIFFRACTION' 
_refine_hist.cycle_id                         LAST 
_refine_hist.details                          ? 
_refine_hist.d_res_high                       1.479 
_refine_hist.d_res_low                        41.521 
_refine_hist.number_atoms_solvent             101 
_refine_hist.number_atoms_total               437 
_refine_hist.number_reflns_all                ? 
_refine_hist.number_reflns_obs                ? 
_refine_hist.number_reflns_R_free             ? 
_refine_hist.number_reflns_R_work             ? 
_refine_hist.R_factor_all                     ? 
_refine_hist.R_factor_obs                     ? 
_refine_hist.R_factor_R_free                  ? 
_refine_hist.R_factor_R_work                  ? 
_refine_hist.pdbx_number_residues_total       ? 
_refine_hist.pdbx_B_iso_mean_ligand           ? 
_refine_hist.pdbx_B_iso_mean_solvent          ? 
_refine_hist.pdbx_number_atoms_protein        0 
_refine_hist.pdbx_number_atoms_nucleic_acid   335 
_refine_hist.pdbx_number_atoms_ligand         1 
_refine_hist.pdbx_number_atoms_lipid          ? 
_refine_hist.pdbx_number_atoms_carb           ? 
_refine_hist.pdbx_pseudo_atom_details         ? 
# 
loop_
_refine_ls_restr.pdbx_refine_id 
_refine_ls_restr.criterion 
_refine_ls_restr.dev_ideal 
_refine_ls_restr.dev_ideal_target 
_refine_ls_restr.number 
_refine_ls_restr.rejects 
_refine_ls_restr.type 
_refine_ls_restr.weight 
_refine_ls_restr.pdbx_Zscore 
_refine_ls_restr.pdbx_restraint_function 
'X-RAY DIFFRACTION' ? 0.011 0.012  374 ? r_bond_refined_d               ? ? ? 
'X-RAY DIFFRACTION' ? 0.029 0.019  159 ? r_bond_other_d                 ? ? ? 
'X-RAY DIFFRACTION' ? 1.982 1.890  572 ? r_angle_refined_deg            ? ? ? 
'X-RAY DIFFRACTION' ? 2.699 1.778  386 ? r_angle_other_deg              ? ? ? 
'X-RAY DIFFRACTION' ? 0.083 5.000  11  ? r_dihedral_angle_other_2_deg   ? ? ? 
'X-RAY DIFFRACTION' ? 0.078 0.200  76  ? r_chiral_restr                 ? ? ? 
'X-RAY DIFFRACTION' ? 2.401 0.200  2   ? r_chiral_restr_other           ? ? ? 
'X-RAY DIFFRACTION' ? 0.027 0.020  185 ? r_gen_planes_refined           ? ? ? 
'X-RAY DIFFRACTION' ? 0.001 0.020  59  ? r_gen_planes_other             ? ? ? 
'X-RAY DIFFRACTION' ? 0.113 0.200  36  ? r_nbd_refined                  ? ? ? 
'X-RAY DIFFRACTION' ? 0.198 0.200  164 ? r_symmetry_nbd_other           ? ? ? 
'X-RAY DIFFRACTION' ? 0.249 0.200  137 ? r_nbtor_refined                ? ? ? 
'X-RAY DIFFRACTION' ? 0.080 0.200  100 ? r_symmetry_nbtor_other         ? ? ? 
'X-RAY DIFFRACTION' ? 0.233 0.200  68  ? r_xyhbond_nbd_refined          ? ? ? 
'X-RAY DIFFRACTION' ? 0.029 0.200  2   ? r_metal_ion_refined            ? ? ? 
'X-RAY DIFFRACTION' ? 0.080 0.200  11  ? r_symmetry_nbd_refined         ? ? ? 
'X-RAY DIFFRACTION' ? 0.143 0.200  69  ? r_nbd_other                    ? ? ? 
'X-RAY DIFFRACTION' ? 0.171 0.200  50  ? r_symmetry_xyhbond_nbd_refined ? ? ? 
'X-RAY DIFFRACTION' ? 1.280 1.282  374 ? r_scbond_it                    ? ? ? 
'X-RAY DIFFRACTION' ? 1.278 1.280  375 ? r_scbond_other                 ? ? ? 
'X-RAY DIFFRACTION' ? 1.871 2.337  572 ? r_scangle_it                   ? ? ? 
'X-RAY DIFFRACTION' ? 1.869 2.335  573 ? r_scangle_other                ? ? ? 
'X-RAY DIFFRACTION' ? 5.934 22.510 558 ? r_lrange_it                    ? ? ? 
'X-RAY DIFFRACTION' ? 5.420 18.708 519 ? r_lrange_other                 ? ? ? 
# 
loop_
_refine_ls_shell.pdbx_refine_id 
_refine_ls_shell.d_res_high 
_refine_ls_shell.d_res_low 
_refine_ls_shell.number_reflns_all 
_refine_ls_shell.number_reflns_obs 
_refine_ls_shell.number_reflns_R_free 
_refine_ls_shell.number_reflns_R_work 
_refine_ls_shell.percent_reflns_obs 
_refine_ls_shell.percent_reflns_R_free 
_refine_ls_shell.R_factor_all 
_refine_ls_shell.R_factor_obs 
_refine_ls_shell.R_factor_R_free_error 
_refine_ls_shell.R_factor_R_work 
_refine_ls_shell.redundancy_reflns_all 
_refine_ls_shell.redundancy_reflns_obs 
_refine_ls_shell.wR_factor_all 
_refine_ls_shell.wR_factor_obs 
_refine_ls_shell.wR_factor_R_free 
_refine_ls_shell.wR_factor_R_work 
_refine_ls_shell.pdbx_R_complete 
_refine_ls_shell.correlation_coeff_Fo_to_Fc 
_refine_ls_shell.correlation_coeff_Fo_to_Fc_free 
_refine_ls_shell.correlation_coeff_I_to_Fcsqd_work 
_refine_ls_shell.correlation_coeff_I_to_Fcsqd_free 
_refine_ls_shell.pdbx_total_number_of_bins_used 
_refine_ls_shell.pdbx_phase_error 
_refine_ls_shell.pdbx_fsc_work 
_refine_ls_shell.pdbx_fsc_free 
_refine_ls_shell.R_factor_R_free 
'X-RAY DIFFRACTION' 1.479 1.517  513 . 23 485 99.0253  . 0.269 . . 0.267 . . . . . 0.232 . . . . . 20 . 0.953 0.953 0.312 
'X-RAY DIFFRACTION' 1.517 1.559  499 . 25 474 100.0000 . 0.220 . . 0.214 . . . . . 0.179 . . . . . 20 . 0.967 0.933 0.352 
'X-RAY DIFFRACTION' 1.559 1.604  494 . 21 473 100.0000 . 0.199 . . 0.198 . . . . . 0.174 . . . . . 20 . 0.973 0.975 0.220 
'X-RAY DIFFRACTION' 1.604 1.653  475 . 23 452 100.0000 . 0.191 . . 0.189 . . . . . 0.173 . . . . . 20 . 0.977 0.967 0.219 
'X-RAY DIFFRACTION' 1.653 1.707  469 . 34 435 100.0000 . 0.187 . . 0.184 . . . . . 0.168 . . . . . 20 . 0.980 0.959 0.224 
'X-RAY DIFFRACTION' 1.707 1.767  436 . 12 424 100.0000 . 0.180 . . 0.178 . . . . . 0.163 . . . . . 20 . 0.980 0.968 0.235 
'X-RAY DIFFRACTION' 1.767 1.834  430 . 21 409 100.0000 . 0.162 . . 0.161 . . . . . 0.150 . . . . . 20 . 0.983 0.973 0.191 
'X-RAY DIFFRACTION' 1.834 1.908  415 . 15 397 99.2771  . 0.192 . . 0.191 . . . . . 0.163 . . . . . 20 . 0.976 0.970 0.221 
'X-RAY DIFFRACTION' 1.908 1.993  412 . 26 384 99.5146  . 0.202 . . 0.200 . . . . . 0.184 . . . . . 20 . 0.974 0.971 0.224 
'X-RAY DIFFRACTION' 1.993 2.090  382 . 14 368 100.0000 . 0.173 . . 0.170 . . . . . 0.166 . . . . . 20 . 0.980 0.977 0.245 
'X-RAY DIFFRACTION' 2.090 2.203  356 . 17 339 100.0000 . 0.186 . . 0.181 . . . . . 0.176 . . . . . 20 . 0.979 0.969 0.278 
'X-RAY DIFFRACTION' 2.203 2.336  354 . 15 335 98.8701  . 0.209 . . 0.206 . . . . . 0.207 . . . . . 20 . 0.976 0.960 0.289 
'X-RAY DIFFRACTION' 2.336 2.497  323 . 23 300 100.0000 . 0.193 . . 0.187 . . . . . 0.196 . . . . . 20 . 0.979 0.962 0.274 
'X-RAY DIFFRACTION' 2.497 2.696  312 . 16 296 100.0000 . 0.195 . . 0.194 . . . . . 0.205 . . . . . 20 . 0.977 0.971 0.212 
'X-RAY DIFFRACTION' 2.696 2.952  290 . 17 273 100.0000 . 0.159 . . 0.155 . . . . . 0.177 . . . . . 20 . 0.985 0.966 0.240 
'X-RAY DIFFRACTION' 2.952 3.299  259 . 10 248 99.6139  . 0.131 . . 0.130 . . . . . 0.172 . . . . . 20 . 0.991 0.986 0.155 
'X-RAY DIFFRACTION' 3.299 3.805  233 . 9  224 100.0000 . 0.130 . . 0.130 . . . . . 0.167 . . . . . 20 . 0.991 0.993 0.129 
'X-RAY DIFFRACTION' 3.805 4.650  204 . 12 192 100.0000 . 0.123 . . 0.120 . . . . . 0.167 . . . . . 20 . 0.992 0.983 0.164 
'X-RAY DIFFRACTION' 4.650 6.536  163 . 9  154 100.0000 . 0.148 . . 0.146 . . . . . 0.206 . . . . . 20 . 0.988 0.980 0.186 
'X-RAY DIFFRACTION' 6.536 41.521 107 . 6  101 100.0000 . 0.160 . . 0.163 . . . . . 0.254 . . . . . 20 . 0.981 0.995 0.116 
# 
_struct.entry_id                     9OKU 
_struct.title                        '16mer self-complementary duplex RNA with dA:s(2)U pair sequence 1' 
_struct.pdbx_model_details           ? 
_struct.pdbx_formula_weight          ? 
_struct.pdbx_formula_weight_method   ? 
_struct.pdbx_model_type_details      ? 
_struct.pdbx_CASP_flag               N 
# 
_struct_keywords.entry_id        9OKU 
_struct_keywords.text            'Deoxyribo-purine, 2-thiouridine, RNA duplex, Origin of Life, RNA' 
_struct_keywords.pdbx_keywords   RNA 
# 
loop_
_struct_asym.id 
_struct_asym.pdbx_blank_PDB_chainid_flag 
_struct_asym.pdbx_modified 
_struct_asym.entity_id 
_struct_asym.details 
A N N 1 ? 
B N N 2 ? 
C N N 3 ? 
# 
_struct_ref.id                         1 
_struct_ref.db_name                    PDB 
_struct_ref.db_code                    9OKU 
_struct_ref.pdbx_db_accession          9OKU 
_struct_ref.pdbx_db_isoform            ? 
_struct_ref.entity_id                  1 
_struct_ref.pdbx_seq_one_letter_code   ? 
_struct_ref.pdbx_align_begin           1 
# 
_struct_ref_seq.align_id                      1 
_struct_ref_seq.ref_id                        1 
_struct_ref_seq.pdbx_PDB_id_code              9OKU 
_struct_ref_seq.pdbx_strand_id                A 
_struct_ref_seq.seq_align_beg                 1 
_struct_ref_seq.pdbx_seq_align_beg_ins_code   ? 
_struct_ref_seq.seq_align_end                 16 
_struct_ref_seq.pdbx_seq_align_end_ins_code   ? 
_struct_ref_seq.pdbx_db_accession             9OKU 
_struct_ref_seq.db_align_beg                  1 
_struct_ref_seq.pdbx_db_align_beg_ins_code    ? 
_struct_ref_seq.db_align_end                  16 
_struct_ref_seq.pdbx_db_align_end_ins_code    ? 
_struct_ref_seq.pdbx_auth_seq_align_beg       1 
_struct_ref_seq.pdbx_auth_seq_align_end       16 
# 
_pdbx_struct_assembly.id                   1 
_pdbx_struct_assembly.details              author_and_software_defined_assembly 
_pdbx_struct_assembly.method_details       PISA 
_pdbx_struct_assembly.oligomeric_details   dimeric 
_pdbx_struct_assembly.oligomeric_count     2 
# 
loop_
_pdbx_struct_assembly_prop.biol_id 
_pdbx_struct_assembly_prop.type 
_pdbx_struct_assembly_prop.value 
_pdbx_struct_assembly_prop.details 
1 'ABSA (A^2)' 2680 ? 
1 MORE         -12  ? 
1 'SSA (A^2)'  5690 ? 
# 
_pdbx_struct_assembly_gen.assembly_id       1 
_pdbx_struct_assembly_gen.oper_expression   1,2 
_pdbx_struct_assembly_gen.asym_id_list      A,B,C 
# 
_pdbx_struct_assembly_auth_evidence.id                     1 
_pdbx_struct_assembly_auth_evidence.assembly_id            1 
_pdbx_struct_assembly_auth_evidence.experimental_support   none 
_pdbx_struct_assembly_auth_evidence.details                ? 
# 
loop_
_pdbx_struct_oper_list.id 
_pdbx_struct_oper_list.type 
_pdbx_struct_oper_list.name 
_pdbx_struct_oper_list.symmetry_operation 
_pdbx_struct_oper_list.matrix[1][1] 
_pdbx_struct_oper_list.matrix[1][2] 
_pdbx_struct_oper_list.matrix[1][3] 
_pdbx_struct_oper_list.vector[1] 
_pdbx_struct_oper_list.matrix[2][1] 
_pdbx_struct_oper_list.matrix[2][2] 
_pdbx_struct_oper_list.matrix[2][3] 
_pdbx_struct_oper_list.vector[2] 
_pdbx_struct_oper_list.matrix[3][1] 
_pdbx_struct_oper_list.matrix[3][2] 
_pdbx_struct_oper_list.matrix[3][3] 
_pdbx_struct_oper_list.vector[3] 
1 'identity operation'         1_555 x,y,z  1.0000000000  0.0000000000 0.0000000000  0.0000000000  0.0000000000 1.0000000000 0.0000000000  0.0000000000 0.0000000000  0.0000000000  1.0000000000  0.0000000000 
2 'crystal symmetry operation' 4_555 y,x,-z -0.8734153948 0.4360768741 -0.2167544879 -0.3559168328 0.4360768741 0.5022604036 -0.7467070690 1.8933204209 -0.2167544879 -0.7467070690 -0.6288450088 3.6012156721 
# 
loop_
_struct_conn.id 
_struct_conn.conn_type_id 
_struct_conn.pdbx_leaving_atom_flag 
_struct_conn.pdbx_PDB_id 
_struct_conn.ptnr1_label_asym_id 
_struct_conn.ptnr1_label_comp_id 
_struct_conn.ptnr1_label_seq_id 
_struct_conn.ptnr1_label_atom_id 
_struct_conn.pdbx_ptnr1_label_alt_id 
_struct_conn.pdbx_ptnr1_PDB_ins_code 
_struct_conn.pdbx_ptnr1_standard_comp_id 
_struct_conn.ptnr1_symmetry 
_struct_conn.ptnr2_label_asym_id 
_struct_conn.ptnr2_label_comp_id 
_struct_conn.ptnr2_label_seq_id 
_struct_conn.ptnr2_label_atom_id 
_struct_conn.pdbx_ptnr2_label_alt_id 
_struct_conn.pdbx_ptnr2_PDB_ins_code 
_struct_conn.ptnr1_auth_asym_id 
_struct_conn.ptnr1_auth_comp_id 
_struct_conn.ptnr1_auth_seq_id 
_struct_conn.ptnr2_auth_asym_id 
_struct_conn.ptnr2_auth_comp_id 
_struct_conn.ptnr2_auth_seq_id 
_struct_conn.ptnr2_symmetry 
_struct_conn.pdbx_ptnr3_label_atom_id 
_struct_conn.pdbx_ptnr3_label_seq_id 
_struct_conn.pdbx_ptnr3_label_comp_id 
_struct_conn.pdbx_ptnr3_label_asym_id 
_struct_conn.pdbx_ptnr3_label_alt_id 
_struct_conn.pdbx_ptnr3_PDB_ins_code 
_struct_conn.details 
_struct_conn.pdbx_dist_value 
_struct_conn.pdbx_value_order 
_struct_conn.pdbx_role 
covale1  covale both ? A U   11 "O3'" ? ? ? 1_555 A SUR 12 P  ? ? A U   11  A SUR 12  1_555  ? ? ? ? ? ? ?            1.618 ? ? 
covale2  covale both ? A SUR 12 "O3'" ? ? ? 1_555 A C   13 P  ? ? A SUR 12  A C   13  1_555  ? ? ? ? ? ? ?            1.592 ? ? 
metalc1  metalc ?    ? A U   16 OP1   ? ? ? 1_555 B MG  .  MG ? ? A U   16  A MG  101 1_555  ? ? ? ? ? ? ?            1.963 ? ? 
metalc2  metalc ?    ? B MG  .  MG    ? ? ? 1_555 C HOH .  O  ? ? A MG  101 A HOH 205 14_654 ? ? ? ? ? ? ?            2.206 ? ? 
metalc3  metalc ?    ? B MG  .  MG    ? ? ? 1_555 C HOH .  O  ? ? A MG  101 A HOH 235 1_555  ? ? ? ? ? ? ?            1.959 ? ? 
metalc4  metalc ?    ? B MG  .  MG    ? ? ? 1_555 C HOH .  O  ? ? A MG  101 A HOH 271 1_555  ? ? ? ? ? ? ?            2.170 ? ? 
metalc5  metalc ?    ? B MG  .  MG    ? ? ? 1_555 C HOH .  O  ? ? A MG  101 A HOH 273 1_555  ? ? ? ? ? ? ?            2.254 ? ? 
metalc6  metalc ?    ? B MG  .  MG    ? ? ? 1_555 C HOH .  O  ? ? A MG  101 A HOH 279 1_555  ? ? ? ? ? ? ?            2.412 ? ? 
hydrog1  hydrog ?    ? A A   1  N1    ? ? ? 1_555 A U   16 N3 ? ? A A   1   A U   16  4_555  ? ? ? ? ? ? WATSON-CRICK ?     ? ? 
hydrog2  hydrog ?    ? A A   1  N6    ? ? ? 1_555 A U   16 O4 ? ? A A   1   A U   16  4_555  ? ? ? ? ? ? WATSON-CRICK ?     ? ? 
hydrog3  hydrog ?    ? A G   2  N1    ? ? ? 1_555 A C   15 N3 ? ? A G   2   A C   15  4_555  ? ? ? ? ? ? WATSON-CRICK ?     ? ? 
hydrog4  hydrog ?    ? A G   2  N2    ? ? ? 1_555 A C   15 O2 ? ? A G   2   A C   15  4_555  ? ? ? ? ? ? WATSON-CRICK ?     ? ? 
hydrog5  hydrog ?    ? A G   2  O6    ? ? ? 1_555 A C   15 N4 ? ? A G   2   A C   15  4_555  ? ? ? ? ? ? WATSON-CRICK ?     ? ? 
hydrog6  hydrog ?    ? A A   3  N1    ? ? ? 1_555 A U   14 N3 ? ? A A   3   A U   14  4_555  ? ? ? ? ? ? WATSON-CRICK ?     ? ? 
hydrog7  hydrog ?    ? A A   3  N6    ? ? ? 1_555 A U   14 O4 ? ? A A   3   A U   14  4_555  ? ? ? ? ? ? WATSON-CRICK ?     ? ? 
hydrog8  hydrog ?    ? A G   4  N1    ? ? ? 1_555 A C   13 N3 ? ? A G   4   A C   13  4_555  ? ? ? ? ? ? WATSON-CRICK ?     ? ? 
hydrog9  hydrog ?    ? A G   4  N2    ? ? ? 1_555 A C   13 O2 ? ? A G   4   A C   13  4_555  ? ? ? ? ? ? WATSON-CRICK ?     ? ? 
hydrog10 hydrog ?    ? A G   4  O6    ? ? ? 1_555 A C   13 N4 ? ? A G   4   A C   13  4_555  ? ? ? ? ? ? WATSON-CRICK ?     ? ? 
hydrog11 hydrog ?    ? A DA  5  N1    ? ? ? 1_555 A SUR 12 N3 ? ? A DA  5   A SUR 12  4_555  ? ? ? ? ? ? WATSON-CRICK ?     ? ? 
hydrog12 hydrog ?    ? A DA  5  N6    ? ? ? 1_555 A SUR 12 O4 ? ? A DA  5   A SUR 12  4_555  ? ? ? ? ? ? WATSON-CRICK ?     ? ? 
hydrog13 hydrog ?    ? A A   6  N1    ? ? ? 1_555 A U   11 N3 ? ? A A   6   A U   11  4_555  ? ? ? ? ? ? WATSON-CRICK ?     ? ? 
hydrog14 hydrog ?    ? A A   6  N6    ? ? ? 1_555 A U   11 O4 ? ? A A   6   A U   11  4_555  ? ? ? ? ? ? WATSON-CRICK ?     ? ? 
hydrog15 hydrog ?    ? A G   7  N1    ? ? ? 1_555 A C   10 N3 ? ? A G   7   A C   10  4_555  ? ? ? ? ? ? WATSON-CRICK ?     ? ? 
hydrog16 hydrog ?    ? A G   7  N2    ? ? ? 1_555 A C   10 O2 ? ? A G   7   A C   10  4_555  ? ? ? ? ? ? WATSON-CRICK ?     ? ? 
hydrog17 hydrog ?    ? A G   7  O6    ? ? ? 1_555 A C   10 N4 ? ? A G   7   A C   10  4_555  ? ? ? ? ? ? WATSON-CRICK ?     ? ? 
hydrog18 hydrog ?    ? A A   8  N1    ? ? ? 1_555 A U   9  N3 ? ? A A   8   A U   9   4_555  ? ? ? ? ? ? WATSON-CRICK ?     ? ? 
hydrog19 hydrog ?    ? A A   8  N6    ? ? ? 1_555 A U   9  O4 ? ? A A   8   A U   9   4_555  ? ? ? ? ? ? WATSON-CRICK ?     ? ? 
hydrog20 hydrog ?    ? A U   9  N3    ? ? ? 1_555 A A   8  N1 ? ? A U   9   A A   8   4_555  ? ? ? ? ? ? WATSON-CRICK ?     ? ? 
hydrog21 hydrog ?    ? A U   9  O4    ? ? ? 1_555 A A   8  N6 ? ? A U   9   A A   8   4_555  ? ? ? ? ? ? WATSON-CRICK ?     ? ? 
hydrog22 hydrog ?    ? A C   10 N3    ? ? ? 1_555 A G   7  N1 ? ? A C   10  A G   7   4_555  ? ? ? ? ? ? WATSON-CRICK ?     ? ? 
hydrog23 hydrog ?    ? A C   10 N4    ? ? ? 1_555 A G   7  O6 ? ? A C   10  A G   7   4_555  ? ? ? ? ? ? WATSON-CRICK ?     ? ? 
hydrog24 hydrog ?    ? A C   10 O2    ? ? ? 1_555 A G   7  N2 ? ? A C   10  A G   7   4_555  ? ? ? ? ? ? WATSON-CRICK ?     ? ? 
hydrog25 hydrog ?    ? A U   11 N3    ? ? ? 1_555 A A   6  N1 ? ? A U   11  A A   6   4_555  ? ? ? ? ? ? WATSON-CRICK ?     ? ? 
hydrog26 hydrog ?    ? A U   11 O4    ? ? ? 1_555 A A   6  N6 ? ? A U   11  A A   6   4_555  ? ? ? ? ? ? WATSON-CRICK ?     ? ? 
hydrog27 hydrog ?    ? A SUR 12 N3    ? ? ? 1_555 A DA  5  N1 ? ? A SUR 12  A DA  5   4_555  ? ? ? ? ? ? WATSON-CRICK ?     ? ? 
hydrog28 hydrog ?    ? A SUR 12 O4    ? ? ? 1_555 A DA  5  N6 ? ? A SUR 12  A DA  5   4_555  ? ? ? ? ? ? WATSON-CRICK ?     ? ? 
hydrog29 hydrog ?    ? A C   13 N3    ? ? ? 1_555 A G   4  N1 ? ? A C   13  A G   4   4_555  ? ? ? ? ? ? WATSON-CRICK ?     ? ? 
hydrog30 hydrog ?    ? A C   13 N4    ? ? ? 1_555 A G   4  O6 ? ? A C   13  A G   4   4_555  ? ? ? ? ? ? WATSON-CRICK ?     ? ? 
hydrog31 hydrog ?    ? A C   13 O2    ? ? ? 1_555 A G   4  N2 ? ? A C   13  A G   4   4_555  ? ? ? ? ? ? WATSON-CRICK ?     ? ? 
hydrog32 hydrog ?    ? A U   14 N3    ? ? ? 1_555 A A   3  N1 ? ? A U   14  A A   3   4_555  ? ? ? ? ? ? WATSON-CRICK ?     ? ? 
hydrog33 hydrog ?    ? A U   14 O4    ? ? ? 1_555 A A   3  N6 ? ? A U   14  A A   3   4_555  ? ? ? ? ? ? WATSON-CRICK ?     ? ? 
hydrog34 hydrog ?    ? A C   15 N3    ? ? ? 1_555 A G   2  N1 ? ? A C   15  A G   2   4_555  ? ? ? ? ? ? WATSON-CRICK ?     ? ? 
hydrog35 hydrog ?    ? A C   15 N4    ? ? ? 1_555 A G   2  O6 ? ? A C   15  A G   2   4_555  ? ? ? ? ? ? WATSON-CRICK ?     ? ? 
hydrog36 hydrog ?    ? A C   15 O2    ? ? ? 1_555 A G   2  N2 ? ? A C   15  A G   2   4_555  ? ? ? ? ? ? WATSON-CRICK ?     ? ? 
hydrog37 hydrog ?    ? A U   16 N3    ? ? ? 1_555 A A   1  N1 ? ? A U   16  A A   1   4_555  ? ? ? ? ? ? WATSON-CRICK ?     ? ? 
hydrog38 hydrog ?    ? A U   16 O4    ? ? ? 1_555 A A   1  N6 ? ? A U   16  A A   1   4_555  ? ? ? ? ? ? WATSON-CRICK ?     ? ? 
# 
loop_
_struct_conn_type.id 
_struct_conn_type.criteria 
_struct_conn_type.reference 
covale ? ? 
metalc ? ? 
hydrog ? ? 
# 
loop_
_pdbx_struct_conn_angle.id 
_pdbx_struct_conn_angle.ptnr1_label_atom_id 
_pdbx_struct_conn_angle.ptnr1_label_alt_id 
_pdbx_struct_conn_angle.ptnr1_label_asym_id 
_pdbx_struct_conn_angle.ptnr1_label_comp_id 
_pdbx_struct_conn_angle.ptnr1_label_seq_id 
_pdbx_struct_conn_angle.ptnr1_auth_atom_id 
_pdbx_struct_conn_angle.ptnr1_auth_asym_id 
_pdbx_struct_conn_angle.ptnr1_auth_comp_id 
_pdbx_struct_conn_angle.ptnr1_auth_seq_id 
_pdbx_struct_conn_angle.ptnr1_PDB_ins_code 
_pdbx_struct_conn_angle.ptnr1_symmetry 
_pdbx_struct_conn_angle.ptnr2_label_atom_id 
_pdbx_struct_conn_angle.ptnr2_label_alt_id 
_pdbx_struct_conn_angle.ptnr2_label_asym_id 
_pdbx_struct_conn_angle.ptnr2_label_comp_id 
_pdbx_struct_conn_angle.ptnr2_label_seq_id 
_pdbx_struct_conn_angle.ptnr2_auth_atom_id 
_pdbx_struct_conn_angle.ptnr2_auth_asym_id 
_pdbx_struct_conn_angle.ptnr2_auth_comp_id 
_pdbx_struct_conn_angle.ptnr2_auth_seq_id 
_pdbx_struct_conn_angle.ptnr2_PDB_ins_code 
_pdbx_struct_conn_angle.ptnr2_symmetry 
_pdbx_struct_conn_angle.ptnr3_label_atom_id 
_pdbx_struct_conn_angle.ptnr3_label_alt_id 
_pdbx_struct_conn_angle.ptnr3_label_asym_id 
_pdbx_struct_conn_angle.ptnr3_label_comp_id 
_pdbx_struct_conn_angle.ptnr3_label_seq_id 
_pdbx_struct_conn_angle.ptnr3_auth_atom_id 
_pdbx_struct_conn_angle.ptnr3_auth_asym_id 
_pdbx_struct_conn_angle.ptnr3_auth_comp_id 
_pdbx_struct_conn_angle.ptnr3_auth_seq_id 
_pdbx_struct_conn_angle.ptnr3_PDB_ins_code 
_pdbx_struct_conn_angle.ptnr3_symmetry 
_pdbx_struct_conn_angle.value 
_pdbx_struct_conn_angle.value_esd 
1  OP1 ? A U   16 ? A U   16  ? 1_555  MG ? B MG . ? A MG 101 ? 1_555 O ? C HOH . ? A HOH 205 ? 14_654 163.3 ? 
2  OP1 ? A U   16 ? A U   16  ? 1_555  MG ? B MG . ? A MG 101 ? 1_555 O ? C HOH . ? A HOH 235 ? 1_555  88.1  ? 
3  O   ? C HOH .  ? A HOH 205 ? 14_654 MG ? B MG . ? A MG 101 ? 1_555 O ? C HOH . ? A HOH 235 ? 1_555  107.7 ? 
4  OP1 ? A U   16 ? A U   16  ? 1_555  MG ? B MG . ? A MG 101 ? 1_555 O ? C HOH . ? A HOH 271 ? 1_555  92.6  ? 
5  O   ? C HOH .  ? A HOH 205 ? 14_654 MG ? B MG . ? A MG 101 ? 1_555 O ? C HOH . ? A HOH 271 ? 1_555  89.7  ? 
6  O   ? C HOH .  ? A HOH 235 ? 1_555  MG ? B MG . ? A MG 101 ? 1_555 O ? C HOH . ? A HOH 271 ? 1_555  101.0 ? 
7  OP1 ? A U   16 ? A U   16  ? 1_555  MG ? B MG . ? A MG 101 ? 1_555 O ? C HOH . ? A HOH 273 ? 1_555  90.7  ? 
8  O   ? C HOH .  ? A HOH 205 ? 14_654 MG ? B MG . ? A MG 101 ? 1_555 O ? C HOH . ? A HOH 273 ? 1_555  86.4  ? 
9  O   ? C HOH .  ? A HOH 235 ? 1_555  MG ? B MG . ? A MG 101 ? 1_555 O ? C HOH . ? A HOH 273 ? 1_555  81.9  ? 
10 O   ? C HOH .  ? A HOH 271 ? 1_555  MG ? B MG . ? A MG 101 ? 1_555 O ? C HOH . ? A HOH 273 ? 1_555  175.6 ? 
11 OP1 ? A U   16 ? A U   16  ? 1_555  MG ? B MG . ? A MG 101 ? 1_555 O ? C HOH . ? A HOH 279 ? 1_555  88.6  ? 
12 O   ? C HOH .  ? A HOH 205 ? 14_654 MG ? B MG . ? A MG 101 ? 1_555 O ? C HOH . ? A HOH 279 ? 1_555  75.4  ? 
13 O   ? C HOH .  ? A HOH 235 ? 1_555  MG ? B MG . ? A MG 101 ? 1_555 O ? C HOH . ? A HOH 279 ? 1_555  175.6 ? 
14 O   ? C HOH .  ? A HOH 271 ? 1_555  MG ? B MG . ? A MG 101 ? 1_555 O ? C HOH . ? A HOH 279 ? 1_555  81.9  ? 
15 O   ? C HOH .  ? A HOH 273 ? 1_555  MG ? B MG . ? A MG 101 ? 1_555 O ? C HOH . ? A HOH 279 ? 1_555  95.3  ? 
# 
_pdbx_entry_details.entry_id                   9OKU 
_pdbx_entry_details.nonpolymer_details         ? 
_pdbx_entry_details.sequence_details           ? 
_pdbx_entry_details.compound_details           ? 
_pdbx_entry_details.source_details             ? 
_pdbx_entry_details.has_ligand_of_interest     Y 
_pdbx_entry_details.has_protein_modification   N 
# 
loop_
_pdbx_validate_close_contact.id 
_pdbx_validate_close_contact.PDB_model_num 
_pdbx_validate_close_contact.auth_atom_id_1 
_pdbx_validate_close_contact.auth_asym_id_1 
_pdbx_validate_close_contact.auth_comp_id_1 
_pdbx_validate_close_contact.auth_seq_id_1 
_pdbx_validate_close_contact.PDB_ins_code_1 
_pdbx_validate_close_contact.label_alt_id_1 
_pdbx_validate_close_contact.auth_atom_id_2 
_pdbx_validate_close_contact.auth_asym_id_2 
_pdbx_validate_close_contact.auth_comp_id_2 
_pdbx_validate_close_contact.auth_seq_id_2 
_pdbx_validate_close_contact.PDB_ins_code_2 
_pdbx_validate_close_contact.label_alt_id_2 
_pdbx_validate_close_contact.dist 
1 1 N3 A A   6   ? ? O A HOH 201 ? ? 2.08 
2 1 O  A HOH 204 ? ? O A HOH 293 ? ? 2.09 
3 1 O  A HOH 221 ? ? O A HOH 293 ? ? 2.16 
4 1 O  A HOH 217 ? ? O A HOH 293 ? ? 2.16 
# 
loop_
_pdbx_validate_rmsd_angle.id 
_pdbx_validate_rmsd_angle.PDB_model_num 
_pdbx_validate_rmsd_angle.auth_atom_id_1 
_pdbx_validate_rmsd_angle.auth_asym_id_1 
_pdbx_validate_rmsd_angle.auth_comp_id_1 
_pdbx_validate_rmsd_angle.auth_seq_id_1 
_pdbx_validate_rmsd_angle.PDB_ins_code_1 
_pdbx_validate_rmsd_angle.label_alt_id_1 
_pdbx_validate_rmsd_angle.auth_atom_id_2 
_pdbx_validate_rmsd_angle.auth_asym_id_2 
_pdbx_validate_rmsd_angle.auth_comp_id_2 
_pdbx_validate_rmsd_angle.auth_seq_id_2 
_pdbx_validate_rmsd_angle.PDB_ins_code_2 
_pdbx_validate_rmsd_angle.label_alt_id_2 
_pdbx_validate_rmsd_angle.auth_atom_id_3 
_pdbx_validate_rmsd_angle.auth_asym_id_3 
_pdbx_validate_rmsd_angle.auth_comp_id_3 
_pdbx_validate_rmsd_angle.auth_seq_id_3 
_pdbx_validate_rmsd_angle.PDB_ins_code_3 
_pdbx_validate_rmsd_angle.label_alt_id_3 
_pdbx_validate_rmsd_angle.angle_value 
_pdbx_validate_rmsd_angle.angle_target_value 
_pdbx_validate_rmsd_angle.angle_deviation 
_pdbx_validate_rmsd_angle.angle_standard_deviation 
_pdbx_validate_rmsd_angle.linker_flag 
1 1 "O4'" A DA 5 ? ? "C1'" A DA 5 ? ? N9  A DA 5 ? ? 110.16 108.30 1.86  0.30 N 
2 1 "O5'" A A  6 ? ? P     A A  6 ? ? OP2 A A  6 ? ? 98.42  105.70 -7.28 0.90 N 
# 
loop_
_pdbx_struct_special_symmetry.id 
_pdbx_struct_special_symmetry.PDB_model_num 
_pdbx_struct_special_symmetry.auth_asym_id 
_pdbx_struct_special_symmetry.auth_comp_id 
_pdbx_struct_special_symmetry.auth_seq_id 
_pdbx_struct_special_symmetry.PDB_ins_code 
_pdbx_struct_special_symmetry.label_asym_id 
_pdbx_struct_special_symmetry.label_comp_id 
_pdbx_struct_special_symmetry.label_seq_id 
1 1 A HOH 218 ? C HOH . 
2 1 A HOH 250 ? C HOH . 
3 1 A HOH 268 ? C HOH . 
4 1 A HOH 276 ? C HOH . 
5 1 A HOH 286 ? C HOH . 
6 1 A HOH 288 ? C HOH . 
7 1 A HOH 292 ? C HOH . 
8 1 A HOH 301 ? C HOH . 
# 
_pdbx_distant_solvent_atoms.id                                1 
_pdbx_distant_solvent_atoms.PDB_model_num                     1 
_pdbx_distant_solvent_atoms.auth_atom_id                      O 
_pdbx_distant_solvent_atoms.label_alt_id                      ? 
_pdbx_distant_solvent_atoms.auth_asym_id                      A 
_pdbx_distant_solvent_atoms.auth_comp_id                      HOH 
_pdbx_distant_solvent_atoms.auth_seq_id                       301 
_pdbx_distant_solvent_atoms.PDB_ins_code                      ? 
_pdbx_distant_solvent_atoms.neighbor_macromolecule_distance   6.04 
_pdbx_distant_solvent_atoms.neighbor_ligand_distance          . 
# 
loop_
_chem_comp_atom.comp_id 
_chem_comp_atom.atom_id 
_chem_comp_atom.type_symbol 
_chem_comp_atom.pdbx_aromatic_flag 
_chem_comp_atom.pdbx_stereo_config 
_chem_comp_atom.pdbx_ordinal 
A   OP3    O  N N 1   
A   P      P  N N 2   
A   OP1    O  N N 3   
A   OP2    O  N N 4   
A   "O5'"  O  N N 5   
A   "C5'"  C  N N 6   
A   "C4'"  C  N R 7   
A   "O4'"  O  N N 8   
A   "C3'"  C  N S 9   
A   "O3'"  O  N N 10  
A   "C2'"  C  N R 11  
A   "O2'"  O  N N 12  
A   "C1'"  C  N R 13  
A   N9     N  Y N 14  
A   C8     C  Y N 15  
A   N7     N  Y N 16  
A   C5     C  Y N 17  
A   C6     C  Y N 18  
A   N6     N  N N 19  
A   N1     N  Y N 20  
A   C2     C  Y N 21  
A   N3     N  Y N 22  
A   C4     C  Y N 23  
A   HOP3   H  N N 24  
A   HOP2   H  N N 25  
A   "H5'"  H  N N 26  
A   "H5''" H  N N 27  
A   "H4'"  H  N N 28  
A   "H3'"  H  N N 29  
A   "HO3'" H  N N 30  
A   "H2'"  H  N N 31  
A   "HO2'" H  N N 32  
A   "H1'"  H  N N 33  
A   H8     H  N N 34  
A   H61    H  N N 35  
A   H62    H  N N 36  
A   H2     H  N N 37  
C   OP3    O  N N 38  
C   P      P  N N 39  
C   OP1    O  N N 40  
C   OP2    O  N N 41  
C   "O5'"  O  N N 42  
C   "C5'"  C  N N 43  
C   "C4'"  C  N R 44  
C   "O4'"  O  N N 45  
C   "C3'"  C  N S 46  
C   "O3'"  O  N N 47  
C   "C2'"  C  N R 48  
C   "O2'"  O  N N 49  
C   "C1'"  C  N R 50  
C   N1     N  N N 51  
C   C2     C  N N 52  
C   O2     O  N N 53  
C   N3     N  N N 54  
C   C4     C  N N 55  
C   N4     N  N N 56  
C   C5     C  N N 57  
C   C6     C  N N 58  
C   HOP3   H  N N 59  
C   HOP2   H  N N 60  
C   "H5'"  H  N N 61  
C   "H5''" H  N N 62  
C   "H4'"  H  N N 63  
C   "H3'"  H  N N 64  
C   "HO3'" H  N N 65  
C   "H2'"  H  N N 66  
C   "HO2'" H  N N 67  
C   "H1'"  H  N N 68  
C   H41    H  N N 69  
C   H42    H  N N 70  
C   H5     H  N N 71  
C   H6     H  N N 72  
DA  OP3    O  N N 73  
DA  P      P  N N 74  
DA  OP1    O  N N 75  
DA  OP2    O  N N 76  
DA  "O5'"  O  N N 77  
DA  "C5'"  C  N N 78  
DA  "C4'"  C  N R 79  
DA  "O4'"  O  N N 80  
DA  "C3'"  C  N S 81  
DA  "O3'"  O  N N 82  
DA  "C2'"  C  N N 83  
DA  "C1'"  C  N R 84  
DA  N9     N  Y N 85  
DA  C8     C  Y N 86  
DA  N7     N  Y N 87  
DA  C5     C  Y N 88  
DA  C6     C  Y N 89  
DA  N6     N  N N 90  
DA  N1     N  Y N 91  
DA  C2     C  Y N 92  
DA  N3     N  Y N 93  
DA  C4     C  Y N 94  
DA  HOP3   H  N N 95  
DA  HOP2   H  N N 96  
DA  "H5'"  H  N N 97  
DA  "H5''" H  N N 98  
DA  "H4'"  H  N N 99  
DA  "H3'"  H  N N 100 
DA  "HO3'" H  N N 101 
DA  "H2'"  H  N N 102 
DA  "H2''" H  N N 103 
DA  "H1'"  H  N N 104 
DA  H8     H  N N 105 
DA  H61    H  N N 106 
DA  H62    H  N N 107 
DA  H2     H  N N 108 
G   OP3    O  N N 109 
G   P      P  N N 110 
G   OP1    O  N N 111 
G   OP2    O  N N 112 
G   "O5'"  O  N N 113 
G   "C5'"  C  N N 114 
G   "C4'"  C  N R 115 
G   "O4'"  O  N N 116 
G   "C3'"  C  N S 117 
G   "O3'"  O  N N 118 
G   "C2'"  C  N R 119 
G   "O2'"  O  N N 120 
G   "C1'"  C  N R 121 
G   N9     N  Y N 122 
G   C8     C  Y N 123 
G   N7     N  Y N 124 
G   C5     C  Y N 125 
G   C6     C  N N 126 
G   O6     O  N N 127 
G   N1     N  N N 128 
G   C2     C  N N 129 
G   N2     N  N N 130 
G   N3     N  N N 131 
G   C4     C  Y N 132 
G   HOP3   H  N N 133 
G   HOP2   H  N N 134 
G   "H5'"  H  N N 135 
G   "H5''" H  N N 136 
G   "H4'"  H  N N 137 
G   "H3'"  H  N N 138 
G   "HO3'" H  N N 139 
G   "H2'"  H  N N 140 
G   "HO2'" H  N N 141 
G   "H1'"  H  N N 142 
G   H8     H  N N 143 
G   H1     H  N N 144 
G   H21    H  N N 145 
G   H22    H  N N 146 
HOH O      O  N N 147 
HOH H1     H  N N 148 
HOH H2     H  N N 149 
MG  MG     MG N N 150 
SUR P      P  N N 151 
SUR OP1    O  N N 152 
SUR OP2    O  N N 153 
SUR OP3    O  N N 154 
SUR "O5'"  O  N N 155 
SUR "C5'"  C  N N 156 
SUR "C4'"  C  N R 157 
SUR "O4'"  O  N N 158 
SUR "C3'"  C  N S 159 
SUR "C1'"  C  N R 160 
SUR N1     N  N N 161 
SUR "C2'"  C  N R 162 
SUR C6     C  N N 163 
SUR C2     C  N N 164 
SUR C5     C  N N 165 
SUR S2     S  N N 166 
SUR N3     N  N N 167 
SUR C4     C  N N 168 
SUR O4     O  N N 169 
SUR "O2'"  O  N N 170 
SUR "O3'"  O  N N 171 
SUR HOP1   H  N N 172 
SUR HOP3   H  N N 173 
SUR "H5'1" H  N N 174 
SUR "H5'2" H  N N 175 
SUR "H4'"  H  N N 176 
SUR "H3'"  H  N N 177 
SUR "H1'"  H  N N 178 
SUR "H2'"  H  N N 179 
SUR HC6    H  N N 180 
SUR HC5    H  N N 181 
SUR HN3    H  N N 182 
SUR HO2    H  N N 183 
SUR HO3    H  N N 184 
U   OP3    O  N N 185 
U   P      P  N N 186 
U   OP1    O  N N 187 
U   OP2    O  N N 188 
U   "O5'"  O  N N 189 
U   "C5'"  C  N N 190 
U   "C4'"  C  N R 191 
U   "O4'"  O  N N 192 
U   "C3'"  C  N S 193 
U   "O3'"  O  N N 194 
U   "C2'"  C  N R 195 
U   "O2'"  O  N N 196 
U   "C1'"  C  N R 197 
U   N1     N  N N 198 
U   C2     C  N N 199 
U   O2     O  N N 200 
U   N3     N  N N 201 
U   C4     C  N N 202 
U   O4     O  N N 203 
U   C5     C  N N 204 
U   C6     C  N N 205 
U   HOP3   H  N N 206 
U   HOP2   H  N N 207 
U   "H5'"  H  N N 208 
U   "H5''" H  N N 209 
U   "H4'"  H  N N 210 
U   "H3'"  H  N N 211 
U   "HO3'" H  N N 212 
U   "H2'"  H  N N 213 
U   "HO2'" H  N N 214 
U   "H1'"  H  N N 215 
U   H3     H  N N 216 
U   H5     H  N N 217 
U   H6     H  N N 218 
# 
loop_
_chem_comp_bond.comp_id 
_chem_comp_bond.atom_id_1 
_chem_comp_bond.atom_id_2 
_chem_comp_bond.value_order 
_chem_comp_bond.pdbx_aromatic_flag 
_chem_comp_bond.pdbx_stereo_config 
_chem_comp_bond.pdbx_ordinal 
A   OP3   P      sing N N 1   
A   OP3   HOP3   sing N N 2   
A   P     OP1    doub N N 3   
A   P     OP2    sing N N 4   
A   P     "O5'"  sing N N 5   
A   OP2   HOP2   sing N N 6   
A   "O5'" "C5'"  sing N N 7   
A   "C5'" "C4'"  sing N N 8   
A   "C5'" "H5'"  sing N N 9   
A   "C5'" "H5''" sing N N 10  
A   "C4'" "O4'"  sing N N 11  
A   "C4'" "C3'"  sing N N 12  
A   "C4'" "H4'"  sing N N 13  
A   "O4'" "C1'"  sing N N 14  
A   "C3'" "O3'"  sing N N 15  
A   "C3'" "C2'"  sing N N 16  
A   "C3'" "H3'"  sing N N 17  
A   "O3'" "HO3'" sing N N 18  
A   "C2'" "O2'"  sing N N 19  
A   "C2'" "C1'"  sing N N 20  
A   "C2'" "H2'"  sing N N 21  
A   "O2'" "HO2'" sing N N 22  
A   "C1'" N9     sing N N 23  
A   "C1'" "H1'"  sing N N 24  
A   N9    C8     sing Y N 25  
A   N9    C4     sing Y N 26  
A   C8    N7     doub Y N 27  
A   C8    H8     sing N N 28  
A   N7    C5     sing Y N 29  
A   C5    C6     sing Y N 30  
A   C5    C4     doub Y N 31  
A   C6    N6     sing N N 32  
A   C6    N1     doub Y N 33  
A   N6    H61    sing N N 34  
A   N6    H62    sing N N 35  
A   N1    C2     sing Y N 36  
A   C2    N3     doub Y N 37  
A   C2    H2     sing N N 38  
A   N3    C4     sing Y N 39  
C   OP3   P      sing N N 40  
C   OP3   HOP3   sing N N 41  
C   P     OP1    doub N N 42  
C   P     OP2    sing N N 43  
C   P     "O5'"  sing N N 44  
C   OP2   HOP2   sing N N 45  
C   "O5'" "C5'"  sing N N 46  
C   "C5'" "C4'"  sing N N 47  
C   "C5'" "H5'"  sing N N 48  
C   "C5'" "H5''" sing N N 49  
C   "C4'" "O4'"  sing N N 50  
C   "C4'" "C3'"  sing N N 51  
C   "C4'" "H4'"  sing N N 52  
C   "O4'" "C1'"  sing N N 53  
C   "C3'" "O3'"  sing N N 54  
C   "C3'" "C2'"  sing N N 55  
C   "C3'" "H3'"  sing N N 56  
C   "O3'" "HO3'" sing N N 57  
C   "C2'" "O2'"  sing N N 58  
C   "C2'" "C1'"  sing N N 59  
C   "C2'" "H2'"  sing N N 60  
C   "O2'" "HO2'" sing N N 61  
C   "C1'" N1     sing N N 62  
C   "C1'" "H1'"  sing N N 63  
C   N1    C2     sing N N 64  
C   N1    C6     sing N N 65  
C   C2    O2     doub N N 66  
C   C2    N3     sing N N 67  
C   N3    C4     doub N N 68  
C   C4    N4     sing N N 69  
C   C4    C5     sing N N 70  
C   N4    H41    sing N N 71  
C   N4    H42    sing N N 72  
C   C5    C6     doub N N 73  
C   C5    H5     sing N N 74  
C   C6    H6     sing N N 75  
DA  OP3   P      sing N N 76  
DA  OP3   HOP3   sing N N 77  
DA  P     OP1    doub N N 78  
DA  P     OP2    sing N N 79  
DA  P     "O5'"  sing N N 80  
DA  OP2   HOP2   sing N N 81  
DA  "O5'" "C5'"  sing N N 82  
DA  "C5'" "C4'"  sing N N 83  
DA  "C5'" "H5'"  sing N N 84  
DA  "C5'" "H5''" sing N N 85  
DA  "C4'" "O4'"  sing N N 86  
DA  "C4'" "C3'"  sing N N 87  
DA  "C4'" "H4'"  sing N N 88  
DA  "O4'" "C1'"  sing N N 89  
DA  "C3'" "O3'"  sing N N 90  
DA  "C3'" "C2'"  sing N N 91  
DA  "C3'" "H3'"  sing N N 92  
DA  "O3'" "HO3'" sing N N 93  
DA  "C2'" "C1'"  sing N N 94  
DA  "C2'" "H2'"  sing N N 95  
DA  "C2'" "H2''" sing N N 96  
DA  "C1'" N9     sing N N 97  
DA  "C1'" "H1'"  sing N N 98  
DA  N9    C8     sing Y N 99  
DA  N9    C4     sing Y N 100 
DA  C8    N7     doub Y N 101 
DA  C8    H8     sing N N 102 
DA  N7    C5     sing Y N 103 
DA  C5    C6     sing Y N 104 
DA  C5    C4     doub Y N 105 
DA  C6    N6     sing N N 106 
DA  C6    N1     doub Y N 107 
DA  N6    H61    sing N N 108 
DA  N6    H62    sing N N 109 
DA  N1    C2     sing Y N 110 
DA  C2    N3     doub Y N 111 
DA  C2    H2     sing N N 112 
DA  N3    C4     sing Y N 113 
G   OP3   P      sing N N 114 
G   OP3   HOP3   sing N N 115 
G   P     OP1    doub N N 116 
G   P     OP2    sing N N 117 
G   P     "O5'"  sing N N 118 
G   OP2   HOP2   sing N N 119 
G   "O5'" "C5'"  sing N N 120 
G   "C5'" "C4'"  sing N N 121 
G   "C5'" "H5'"  sing N N 122 
G   "C5'" "H5''" sing N N 123 
G   "C4'" "O4'"  sing N N 124 
G   "C4'" "C3'"  sing N N 125 
G   "C4'" "H4'"  sing N N 126 
G   "O4'" "C1'"  sing N N 127 
G   "C3'" "O3'"  sing N N 128 
G   "C3'" "C2'"  sing N N 129 
G   "C3'" "H3'"  sing N N 130 
G   "O3'" "HO3'" sing N N 131 
G   "C2'" "O2'"  sing N N 132 
G   "C2'" "C1'"  sing N N 133 
G   "C2'" "H2'"  sing N N 134 
G   "O2'" "HO2'" sing N N 135 
G   "C1'" N9     sing N N 136 
G   "C1'" "H1'"  sing N N 137 
G   N9    C8     sing Y N 138 
G   N9    C4     sing Y N 139 
G   C8    N7     doub Y N 140 
G   C8    H8     sing N N 141 
G   N7    C5     sing Y N 142 
G   C5    C6     sing N N 143 
G   C5    C4     doub Y N 144 
G   C6    O6     doub N N 145 
G   C6    N1     sing N N 146 
G   N1    C2     sing N N 147 
G   N1    H1     sing N N 148 
G   C2    N2     sing N N 149 
G   C2    N3     doub N N 150 
G   N2    H21    sing N N 151 
G   N2    H22    sing N N 152 
G   N3    C4     sing N N 153 
HOH O     H1     sing N N 154 
HOH O     H2     sing N N 155 
SUR P     OP1    sing N N 156 
SUR P     OP2    doub N N 157 
SUR P     OP3    sing N N 158 
SUR P     "O5'"  sing N N 159 
SUR OP1   HOP1   sing N N 160 
SUR OP3   HOP3   sing N N 161 
SUR "O5'" "C5'"  sing N N 162 
SUR "C5'" "C4'"  sing N N 163 
SUR "C5'" "H5'1" sing N N 164 
SUR "C5'" "H5'2" sing N N 165 
SUR "C4'" "O4'"  sing N N 166 
SUR "C4'" "C3'"  sing N N 167 
SUR "C4'" "H4'"  sing N N 168 
SUR "O4'" "C1'"  sing N N 169 
SUR "C3'" "C2'"  sing N N 170 
SUR "C3'" "O3'"  sing N N 171 
SUR "C3'" "H3'"  sing N N 172 
SUR "C1'" N1     sing N N 173 
SUR "C1'" "C2'"  sing N N 174 
SUR "C1'" "H1'"  sing N N 175 
SUR N1    C6     sing N N 176 
SUR N1    C2     sing N N 177 
SUR "C2'" "O2'"  sing N N 178 
SUR "C2'" "H2'"  sing N N 179 
SUR C6    C5     doub N N 180 
SUR C6    HC6    sing N N 181 
SUR C2    S2     doub N N 182 
SUR C2    N3     sing N N 183 
SUR C5    C4     sing N N 184 
SUR C5    HC5    sing N N 185 
SUR N3    C4     sing N N 186 
SUR N3    HN3    sing N N 187 
SUR C4    O4     doub N N 188 
SUR "O2'" HO2    sing N N 189 
SUR "O3'" HO3    sing N N 190 
U   OP3   P      sing N N 191 
U   OP3   HOP3   sing N N 192 
U   P     OP1    doub N N 193 
U   P     OP2    sing N N 194 
U   P     "O5'"  sing N N 195 
U   OP2   HOP2   sing N N 196 
U   "O5'" "C5'"  sing N N 197 
U   "C5'" "C4'"  sing N N 198 
U   "C5'" "H5'"  sing N N 199 
U   "C5'" "H5''" sing N N 200 
U   "C4'" "O4'"  sing N N 201 
U   "C4'" "C3'"  sing N N 202 
U   "C4'" "H4'"  sing N N 203 
U   "O4'" "C1'"  sing N N 204 
U   "C3'" "O3'"  sing N N 205 
U   "C3'" "C2'"  sing N N 206 
U   "C3'" "H3'"  sing N N 207 
U   "O3'" "HO3'" sing N N 208 
U   "C2'" "O2'"  sing N N 209 
U   "C2'" "C1'"  sing N N 210 
U   "C2'" "H2'"  sing N N 211 
U   "O2'" "HO2'" sing N N 212 
U   "C1'" N1     sing N N 213 
U   "C1'" "H1'"  sing N N 214 
U   N1    C2     sing N N 215 
U   N1    C6     sing N N 216 
U   C2    O2     doub N N 217 
U   C2    N3     sing N N 218 
U   N3    C4     sing N N 219 
U   N3    H3     sing N N 220 
U   C4    O4     doub N N 221 
U   C4    C5     sing N N 222 
U   C5    C6     doub N N 223 
U   C5    H5     sing N N 224 
U   C6    H6     sing N N 225 
# 
loop_
_ndb_struct_conf_na.entry_id 
_ndb_struct_conf_na.feature 
9OKU 'a-form double helix'  
9OKU 'mismatched base pair' 
# 
loop_
_ndb_struct_na_base_pair.model_number 
_ndb_struct_na_base_pair.i_label_asym_id 
_ndb_struct_na_base_pair.i_label_comp_id 
_ndb_struct_na_base_pair.i_label_seq_id 
_ndb_struct_na_base_pair.i_symmetry 
_ndb_struct_na_base_pair.j_label_asym_id 
_ndb_struct_na_base_pair.j_label_comp_id 
_ndb_struct_na_base_pair.j_label_seq_id 
_ndb_struct_na_base_pair.j_symmetry 
_ndb_struct_na_base_pair.shear 
_ndb_struct_na_base_pair.stretch 
_ndb_struct_na_base_pair.stagger 
_ndb_struct_na_base_pair.buckle 
_ndb_struct_na_base_pair.propeller 
_ndb_struct_na_base_pair.opening 
_ndb_struct_na_base_pair.pair_number 
_ndb_struct_na_base_pair.pair_name 
_ndb_struct_na_base_pair.i_auth_asym_id 
_ndb_struct_na_base_pair.i_auth_seq_id 
_ndb_struct_na_base_pair.i_PDB_ins_code 
_ndb_struct_na_base_pair.j_auth_asym_id 
_ndb_struct_na_base_pair.j_auth_seq_id 
_ndb_struct_na_base_pair.j_PDB_ins_code 
_ndb_struct_na_base_pair.hbond_type_28 
_ndb_struct_na_base_pair.hbond_type_12 
1 A A   1  1_555 A U   16 4_555 -0.034 -0.135 0.036  0.126  -9.033  0.757  1  A_A1:U16_A    A 1  ? A 16 ? 20 1 
1 A G   2  1_555 A C   15 4_555 -0.208 -0.206 -0.109 -4.293 -15.798 -1.849 2  A_G2:C15_A    A 2  ? A 15 ? 19 1 
1 A A   3  1_555 A U   14 4_555 0.089  -0.141 0.051  -3.046 -12.490 1.845  3  A_A3:U14_A    A 3  ? A 14 ? 20 1 
1 A G   4  1_555 A C   13 4_555 -0.354 -0.166 -0.102 -2.341 -11.386 -1.425 4  A_G4:C13_A    A 4  ? A 13 ? 19 1 
1 A DA  5  1_555 A SUR 12 4_555 0.131  -0.161 -0.033 -1.111 -8.735  -1.306 5  A_DA5:SUR12_A A 5  ? A 12 ? 20 1 
1 A A   6  1_555 A U   11 4_555 0.006  -0.075 -0.050 -8.522 -13.762 3.646  6  A_A6:U11_A    A 6  ? A 11 ? 20 1 
1 A G   7  1_555 A C   10 4_555 -0.184 -0.063 0.032  -3.780 -8.414  0.864  7  A_G7:C10_A    A 7  ? A 10 ? 19 1 
1 A A   8  1_555 A U   9  4_555 0.006  -0.191 -0.076 -1.742 -12.526 0.385  8  A_A8:U9_A     A 8  ? A 9  ? 20 1 
1 A U   9  1_555 A A   8  4_555 -0.006 -0.191 -0.076 1.742  -12.526 0.385  9  A_U9:A8_A     A 9  ? A 8  ? 20 1 
1 A C   10 1_555 A G   7  4_555 0.184  -0.063 0.032  3.780  -8.414  0.864  10 A_C10:G7_A    A 10 ? A 7  ? 19 1 
1 A U   11 1_555 A A   6  4_555 -0.006 -0.075 -0.050 8.522  -13.762 3.646  11 A_U11:A6_A    A 11 ? A 6  ? 20 1 
1 A SUR 12 1_555 A DA  5  4_555 -0.131 -0.161 -0.033 1.111  -8.735  -1.306 12 A_SUR12:DA5_A A 12 ? A 5  ? 20 1 
1 A C   13 1_555 A G   4  4_555 0.354  -0.166 -0.102 2.341  -11.386 -1.425 13 A_C13:G4_A    A 13 ? A 4  ? 19 1 
1 A U   14 1_555 A A   3  4_555 -0.089 -0.141 0.051  3.046  -12.490 1.845  14 A_U14:A3_A    A 14 ? A 3  ? 20 1 
1 A C   15 1_555 A G   2  4_555 0.208  -0.206 -0.109 4.293  -15.798 -1.849 15 A_C15:G2_A    A 15 ? A 2  ? 19 1 
1 A U   16 1_555 A A   1  4_555 0.034  -0.135 0.036  -0.126 -9.033  0.757  16 A_U16:A1_A    A 16 ? A 1  ? 20 1 
# 
loop_
_ndb_struct_na_base_pair_step.model_number 
_ndb_struct_na_base_pair_step.i_label_asym_id_1 
_ndb_struct_na_base_pair_step.i_label_comp_id_1 
_ndb_struct_na_base_pair_step.i_label_seq_id_1 
_ndb_struct_na_base_pair_step.i_symmetry_1 
_ndb_struct_na_base_pair_step.j_label_asym_id_1 
_ndb_struct_na_base_pair_step.j_label_comp_id_1 
_ndb_struct_na_base_pair_step.j_label_seq_id_1 
_ndb_struct_na_base_pair_step.j_symmetry_1 
_ndb_struct_na_base_pair_step.i_label_asym_id_2 
_ndb_struct_na_base_pair_step.i_label_comp_id_2 
_ndb_struct_na_base_pair_step.i_label_seq_id_2 
_ndb_struct_na_base_pair_step.i_symmetry_2 
_ndb_struct_na_base_pair_step.j_label_asym_id_2 
_ndb_struct_na_base_pair_step.j_label_comp_id_2 
_ndb_struct_na_base_pair_step.j_label_seq_id_2 
_ndb_struct_na_base_pair_step.j_symmetry_2 
_ndb_struct_na_base_pair_step.shift 
_ndb_struct_na_base_pair_step.slide 
_ndb_struct_na_base_pair_step.rise 
_ndb_struct_na_base_pair_step.tilt 
_ndb_struct_na_base_pair_step.roll 
_ndb_struct_na_base_pair_step.twist 
_ndb_struct_na_base_pair_step.x_displacement 
_ndb_struct_na_base_pair_step.y_displacement 
_ndb_struct_na_base_pair_step.helical_rise 
_ndb_struct_na_base_pair_step.inclination 
_ndb_struct_na_base_pair_step.tip 
_ndb_struct_na_base_pair_step.helical_twist 
_ndb_struct_na_base_pair_step.step_number 
_ndb_struct_na_base_pair_step.step_name 
_ndb_struct_na_base_pair_step.i_auth_asym_id_1 
_ndb_struct_na_base_pair_step.i_auth_seq_id_1 
_ndb_struct_na_base_pair_step.i_PDB_ins_code_1 
_ndb_struct_na_base_pair_step.j_auth_asym_id_1 
_ndb_struct_na_base_pair_step.j_auth_seq_id_1 
_ndb_struct_na_base_pair_step.j_PDB_ins_code_1 
_ndb_struct_na_base_pair_step.i_auth_asym_id_2 
_ndb_struct_na_base_pair_step.i_auth_seq_id_2 
_ndb_struct_na_base_pair_step.i_PDB_ins_code_2 
_ndb_struct_na_base_pair_step.j_auth_asym_id_2 
_ndb_struct_na_base_pair_step.j_auth_seq_id_2 
_ndb_struct_na_base_pair_step.j_PDB_ins_code_2 
1 A A   1  1_555 A U   16 4_555 A G   2  1_555 A C   15 4_555 -0.635 -1.147 3.285 -0.636 8.130  34.030 -3.096 0.964  2.952 13.650 
1.068  34.965 1  AA_A1G2:C15U16_AA    A 1  ? A 16 ? A 2  ? A 15 ? 
1 A G   2  1_555 A C   15 4_555 A A   3  1_555 A U   14 4_555 0.690  -1.213 3.156 -0.047 4.676  33.705 -2.775 -1.186 2.965 8.016  
0.081  34.018 2  AA_G2A3:U14C15_AA    A 2  ? A 15 ? A 3  ? A 14 ? 
1 A A   3  1_555 A U   14 4_555 A G   4  1_555 A C   13 4_555 -0.469 -1.422 3.181 -0.829 10.868 32.062 -4.037 0.685  2.587 19.003 
1.450  33.818 3  AA_A3G4:C13U14_AA    A 3  ? A 14 ? A 4  ? A 13 ? 
1 A G   4  1_555 A C   13 4_555 A DA  5  1_555 A SUR 12 4_555 0.298  -1.492 3.261 -0.529 9.293  29.874 -4.405 -0.647 2.681 17.500 
0.996  31.259 4  AA_G4DA5:SUR12C13_AA A 4  ? A 13 ? A 5  ? A 12 ? 
1 A DA  5  1_555 A SUR 12 4_555 A A   6  1_555 A U   11 4_555 1.026  -2.038 3.351 3.565  15.255 32.355 -5.301 -1.200 2.289 25.589 
-5.979 35.857 5  AA_DA5A6:U11SUR12_AA A 5  ? A 12 ? A 6  ? A 11 ? 
1 A A   6  1_555 A U   11 4_555 A G   7  1_555 A C   10 4_555 -0.229 -1.983 3.045 -0.127 8.429  26.454 -5.843 0.451  2.316 17.851 
0.270  27.741 6  AA_A6G7:C10U11_AA    A 6  ? A 11 ? A 7  ? A 10 ? 
1 A G   7  1_555 A C   10 4_555 A A   8  1_555 A U   9  4_555 -0.458 -1.525 3.203 0.790  5.295  32.908 -3.489 0.922  2.918 9.271  
-1.384 33.329 7  AA_G7A8:U9C10_AA     A 7  ? A 10 ? A 8  ? A 9  ? 
1 A A   8  1_555 A U   9  4_555 A U   9  1_555 A A   8  4_555 0.000  -1.088 3.142 0.000  8.451  30.709 -3.401 0.000  2.753 15.589 
0.000  31.824 8  AA_A8U9:A8U9_AA      A 8  ? A 9  ? A 9  ? A 8  ? 
1 A U   9  1_555 A A   8  4_555 A C   10 1_555 A G   7  4_555 0.458  -1.525 3.203 -0.790 5.295  32.908 -3.489 -0.922 2.918 9.271  
1.384  33.329 9  AA_U9C10:G7A8_AA     A 9  ? A 8  ? A 10 ? A 7  ? 
1 A C   10 1_555 A G   7  4_555 A U   11 1_555 A A   6  4_555 0.229  -1.983 3.045 0.127  8.429  26.454 -5.843 -0.451 2.316 17.851 
-0.270 27.741 10 AA_C10U11:A6G7_AA    A 10 ? A 7  ? A 11 ? A 6  ? 
1 A U   11 1_555 A A   6  4_555 A SUR 12 1_555 A DA  5  4_555 -1.026 -2.038 3.351 -3.565 15.255 32.355 -5.301 1.200  2.289 25.589 
5.979  35.857 11 AA_U11SUR12:DA5A6_AA A 11 ? A 6  ? A 12 ? A 5  ? 
1 A SUR 12 1_555 A DA  5  4_555 A C   13 1_555 A G   4  4_555 -0.298 -1.492 3.261 0.529  9.293  29.874 -4.405 0.647  2.681 17.500 
-0.996 31.259 12 AA_SUR12C13:G4DA5_AA A 12 ? A 5  ? A 13 ? A 4  ? 
1 A C   13 1_555 A G   4  4_555 A U   14 1_555 A A   3  4_555 0.469  -1.422 3.181 0.829  10.868 32.062 -4.037 -0.685 2.587 19.003 
-1.450 33.818 13 AA_C13U14:A3G4_AA    A 13 ? A 4  ? A 14 ? A 3  ? 
1 A U   14 1_555 A A   3  4_555 A C   15 1_555 A G   2  4_555 -0.690 -1.213 3.156 0.047  4.676  33.705 -2.775 1.186  2.965 8.016  
-0.081 34.018 14 AA_U14C15:G2A3_AA    A 14 ? A 3  ? A 15 ? A 2  ? 
1 A C   15 1_555 A G   2  4_555 A U   16 1_555 A A   1  4_555 0.635  -1.147 3.285 0.636  8.130  34.030 -3.096 -0.964 2.952 13.650 
-1.068 34.965 15 AA_C15U16:A1G2_AA    A 15 ? A 2  ? A 16 ? A 1  ? 
# 
loop_
_pdbx_audit_support.funding_organization 
_pdbx_audit_support.country 
_pdbx_audit_support.grant_number 
_pdbx_audit_support.ordinal 
'National Science Foundation (NSF, United States)' 'United States' 2104708 1 
'Howard Hughes Medical Institute (HHMI)'           'United States' ?       2 
# 
_pdbx_initial_refinement_model.id               1 
_pdbx_initial_refinement_model.entity_id_list   ? 
_pdbx_initial_refinement_model.type             'experimental model' 
_pdbx_initial_refinement_model.source_name      PDB 
_pdbx_initial_refinement_model.accession_code   9MDX 
_pdbx_initial_refinement_model.details          ? 
# 
_atom_sites.entry_id                    9OKU 
_atom_sites.Cartn_transf_matrix[1][1]   ? 
_atom_sites.Cartn_transf_matrix[1][2]   ? 
_atom_sites.Cartn_transf_matrix[1][3]   ? 
_atom_sites.Cartn_transf_matrix[2][1]   ? 
_atom_sites.Cartn_transf_matrix[2][2]   ? 
_atom_sites.Cartn_transf_matrix[2][3]   ? 
_atom_sites.Cartn_transf_matrix[3][1]   ? 
_atom_sites.Cartn_transf_matrix[3][2]   ? 
_atom_sites.Cartn_transf_matrix[3][3]   ? 
_atom_sites.Cartn_transf_vector[1]      ? 
_atom_sites.Cartn_transf_vector[2]      ? 
_atom_sites.Cartn_transf_vector[3]      ? 
_atom_sites.Cartn_transform_axes        ? 
_atom_sites.fract_transf_matrix[1][1]   0.01702536 
_atom_sites.fract_transf_matrix[1][2]   0.02222335 
_atom_sites.fract_transf_matrix[1][3]   -0.00173588 
_atom_sites.fract_transf_matrix[2][1]   -0.00480325 
_atom_sites.fract_transf_matrix[2][2]   0.01988212 
_atom_sites.fract_transf_matrix[2][3]   -0.01919314 
_atom_sites.fract_transf_matrix[3][1]   -0.00461909 
_atom_sites.fract_transf_matrix[3][2]   0.00394847 
_atom_sites.fract_transf_matrix[3][3]   0.00524618 
_atom_sites.fract_transf_vector[1]      0.419826 
_atom_sites.fract_transf_vector[2]      0.449585 
_atom_sites.fract_transf_vector[3]      -0.014006 
_atom_sites.solution_primary            ? 
_atom_sites.solution_secondary          ? 
_atom_sites.solution_hydrogens          ? 
_atom_sites.special_details             ? 
# 
loop_
_atom_type.symbol 
_atom_type.pdbx_scat_Z 
_atom_type.pdbx_N_electrons 
_atom_type.scat_Cromer_Mann_a1 
_atom_type.scat_Cromer_Mann_b1 
_atom_type.scat_Cromer_Mann_a2 
_atom_type.scat_Cromer_Mann_b2 
_atom_type.scat_Cromer_Mann_a3 
_atom_type.scat_Cromer_Mann_b3 
_atom_type.scat_Cromer_Mann_a4 
_atom_type.scat_Cromer_Mann_b4 
_atom_type.scat_Cromer_Mann_c 
C  6  6  2.3103  20.8439 1.0201 10.2075 1.5888 0.5687  0.8651 51.6512 0.2156   
H  1  1  0.4930  10.5109 0.3229 26.1257 0.1402 3.1424  0.0408 57.7997 0.0030   
MG 12 12 5.4265  2.8275  2.1759 79.2611 1.2283 0.3808  2.3099 7.1937  0.8594   
N  7  7  12.2220 0.0057  3.1346 9.8933  2.0141 28.9975 1.1672 0.5826  -11.5379 
O  8  8  3.0487  13.2771 2.2870 5.7011  1.5464 0.3239  0.8671 32.9089 0.2508   
P  15 15 6.4348  1.9067  4.1793 27.1570 1.7801 0.5260  1.4909 68.1645 1.1150   
S  16 16 6.9054  1.4679  5.2035 22.2151 1.4379 0.2536  1.5863 56.1720 0.8669   
# 
loop_
_atom_site.group_PDB 
_atom_site.id 
_atom_site.type_symbol 
_atom_site.label_atom_id 
_atom_site.label_alt_id 
_atom_site.label_comp_id 
_atom_site.label_asym_id 
_atom_site.label_entity_id 
_atom_site.label_seq_id 
_atom_site.pdbx_PDB_ins_code 
_atom_site.Cartn_x 
_atom_site.Cartn_y 
_atom_site.Cartn_z 
_atom_site.occupancy 
_atom_site.B_iso_or_equiv 
_atom_site.pdbx_formal_charge 
_atom_site.auth_seq_id 
_atom_site.auth_comp_id 
_atom_site.auth_asym_id 
_atom_site.auth_atom_id 
_atom_site.pdbx_PDB_model_num 
_atom_site.calc_flag 
ATOM   1   O  "O5'" . A   A 1 1  ? -15.163 2.918   11.495  1.000 18.745 0 1   A   A "O5'" 1 ? 
ATOM   2   C  "C5'" . A   A 1 1  ? -16.212 2.676   10.547  1.000 14.940 0 1   A   A "C5'" 1 ? 
ATOM   3   C  "C4'" . A   A 1 1  ? -16.759 3.958   9.975   1.000 12.419 0 1   A   A "C4'" 1 ? 
ATOM   4   O  "O4'" . A   A 1 1  ? -17.130 4.870   11.040  1.000 10.437 0 1   A   A "O4'" 1 ? 
ATOM   5   C  "C3'" . A   A 1 1  ? -15.787 4.789   9.163   1.000 11.717 0 1   A   A "C3'" 1 ? 
ATOM   6   O  "O3'" . A   A 1 1  ? -15.822 4.280   7.858   1.000 12.676 0 1   A   A "O3'" 1 ? 
ATOM   7   C  "C2'" . A   A 1 1  ? -16.450 6.155   9.213   1.000 10.940 0 1   A   A "C2'" 1 ? 
ATOM   8   O  "O2'" . A   A 1 1  ? -17.625 6.222   8.449   1.000 10.580 0 1   A   A "O2'" 1 ? 
ATOM   9   C  "C1'" . A   A 1 1  ? -16.799 6.203   10.686  1.000 9.946  0 1   A   A "C1'" 1 ? 
ATOM   10  N  N9    . A   A 1 1  ? -15.751 6.677   11.581  1.000 8.902  0 1   A   A N9    1 ? 
ATOM   11  C  C8    . A   A 1 1  ? -15.080 5.954   12.547  1.000 8.937  0 1   A   A C8    1 ? 
ATOM   12  N  N7    . A   A 1 1  ? -14.279 6.668   13.290  1.000 9.640  0 1   A   A N7    1 ? 
ATOM   13  C  C5    . A   A 1 1  ? -14.454 7.965   12.805  1.000 7.825  0 1   A   A C5    1 ? 
ATOM   14  C  C6    . A   A 1 1  ? -13.934 9.211   13.225  1.000 7.722  0 1   A   A C6    1 ? 
ATOM   15  N  N6    . A   A 1 1  ? -13.087 9.365   14.220  1.000 8.804  0 1   A   A N6    1 ? 
ATOM   16  N  N1    . A   A 1 1  ? -14.278 10.308  12.520  1.000 8.007  0 1   A   A N1    1 ? 
ATOM   17  C  C2    . A   A 1 1  ? -15.149 10.155  11.512  1.000 7.536  0 1   A   A C2    1 ? 
ATOM   18  N  N3    . A   A 1 1  ? -15.727 9.056   11.045  1.000 7.904  0 1   A   A N3    1 ? 
ATOM   19  C  C4    . A   A 1 1  ? -15.363 7.979   11.762  1.000 7.958  0 1   A   A C4    1 ? 
ATOM   20  P  P     . G   A 1 2  ? -14.512 4.284   6.947   1.000 12.745 0 2   G   A P     1 ? 
ATOM   21  O  OP1   . G   A 1 2  ? -14.801 3.477   5.734   1.000 16.076 0 2   G   A OP1   1 ? 
ATOM   22  O  OP2   . G   A 1 2  ? -13.336 4.005   7.779   1.000 13.185 0 2   G   A OP2   1 ? 
ATOM   23  O  "O5'" . G   A 1 2  ? -14.399 5.782   6.466   1.000 12.072 0 2   G   A "O5'" 1 ? 
ATOM   24  C  "C5'" . G   A 1 2  ? -15.344 6.380   5.623   1.000 11.602 0 2   G   A "C5'" 1 ? 
ATOM   25  C  "C4'" . G   A 1 2  ? -15.015 7.851   5.504   1.000 11.356 0 2   G   A "C4'" 1 ? 
ATOM   26  O  "O4'" . G   A 1 2  ? -15.340 8.512   6.755   1.000 11.281 0 2   G   A "O4'" 1 ? 
ATOM   27  C  "C3'" . G   A 1 2  ? -13.558 8.222   5.278   1.000 10.680 0 2   G   A "C3'" 1 ? 
ATOM   28  O  "O3'" . G   A 1 2  ? -13.240 8.061   3.914   1.000 11.720 0 2   G   A "O3'" 1 ? 
ATOM   29  C  "C2'" . G   A 1 2  ? -13.607 9.693   5.659   1.000 10.008 0 2   G   A "C2'" 1 ? 
ATOM   30  O  "O2'" . G   A 1 2  ? -14.250 10.539  4.746   1.000 11.378 0 2   G   A "O2'" 1 ? 
ATOM   31  C  "C1'" . G   A 1 2  ? -14.419 9.575   6.946   1.000 9.478  0 2   G   A "C1'" 1 ? 
ATOM   32  N  N9    . G   A 1 2  ? -13.575 9.257   8.073   1.000 9.601  0 2   G   A N9    1 ? 
ATOM   33  C  C8    . G   A 1 2  ? -13.392 8.031   8.683   1.000 9.049  0 2   G   A C8    1 ? 
ATOM   34  N  N7    . G   A 1 2  ? -12.592 8.063   9.723   1.000 8.854  0 2   G   A N7    1 ? 
ATOM   35  C  C5    . G   A 1 2  ? -12.279 9.413   9.836   1.000 8.108  0 2   G   A C5    1 ? 
ATOM   36  C  C6    . G   A 1 2  ? -11.473 10.055  10.805  1.000 7.488  0 2   G   A C6    1 ? 
ATOM   37  O  O6    . G   A 1 2  ? -10.903 9.557   11.780  1.000 7.762  0 2   G   A O6    1 ? 
ATOM   38  N  N1    . G   A 1 2  ? -11.332 11.421  10.527  1.000 8.023  0 2   G   A N1    1 ? 
ATOM   39  C  C2    . G   A 1 2  ? -11.958 12.068  9.491   1.000 8.281  0 2   G   A C2    1 ? 
ATOM   40  N  N2    . G   A 1 2  ? -11.666 13.375  9.361   1.000 8.782  0 2   G   A N2    1 ? 
ATOM   41  N  N3    . G   A 1 2  ? -12.743 11.466  8.581   1.000 8.014  0 2   G   A N3    1 ? 
ATOM   42  C  C4    . G   A 1 2  ? -12.844 10.143  8.820   1.000 8.039  0 2   G   A C4    1 ? 
ATOM   43  P  P     . A   A 1 3  ? -11.752 7.699   3.473   1.000 12.890 0 3   A   A P     1 ? 
ATOM   44  O  OP1   . A   A 1 3  ? -11.734 7.592   1.978   1.000 15.798 0 3   A   A OP1   1 ? 
ATOM   45  O  OP2   . A   A 1 3  ? -11.112 6.656   4.287   1.000 13.796 0 3   A   A OP2   1 ? 
ATOM   46  O  "O5'" . A   A 1 3  ? -10.961 9.041   3.861   1.000 11.503 0 3   A   A "O5'" 1 ? 
ATOM   47  C  "C5'" . A   A 1 3  ? -11.236 10.295  3.201   1.000 11.081 0 3   A   A "C5'" 1 ? 
ATOM   48  C  "C4'" . A   A 1 3  ? -10.481 11.380  3.925   1.000 10.290 0 3   A   A "C4'" 1 ? 
ATOM   49  O  "O4'" . A   A 1 3  ? -10.955 11.460  5.287   1.000 9.171  0 3   A   A "O4'" 1 ? 
ATOM   50  C  "C3'" . A   A 1 3  ? -8.985  11.192  4.082   1.000 10.198 0 3   A   A "C3'" 1 ? 
ATOM   51  O  "O3'" . A   A 1 3  ? -8.332  11.523  2.863   1.000 11.566 0 3   A   A "O3'" 1 ? 
ATOM   52  C  "C2'" . A   A 1 3  ? -8.712  12.193  5.204   1.000 9.094  0 3   A   A "C2'" 1 ? 
ATOM   53  O  "O2'" . A   A 1 3  ? -8.784  13.511  4.740   1.000 10.502 0 3   A   A "O2'" 1 ? 
ATOM   54  C  "C1'" . A   A 1 3  ? -9.886  11.876  6.133   1.000 8.552  0 3   A   A "C1'" 1 ? 
ATOM   55  N  N9    . A   A 1 3  ? -9.601  10.824  7.094   1.000 8.545  0 3   A   A N9    1 ? 
ATOM   56  C  C8    . A   A 1 3  ? -9.926  9.489   7.036   1.000 8.101  0 3   A   A C8    1 ? 
ATOM   57  N  N7    . A   A 1 3  ? -9.512  8.796   8.075   1.000 8.112  0 3   A   A N7    1 ? 
ATOM   58  C  C5    . A   A 1 3  ? -8.861  9.740   8.858   1.000 7.431  0 3   A   A C5    1 ? 
ATOM   59  C  C6    . A   A 1 3  ? -8.197  9.645   10.096  1.000 7.653  0 3   A   A C6    1 ? 
ATOM   60  N  N6    . A   A 1 3  ? -8.123  8.533   10.822  1.000 8.732  0 3   A   A N6    1 ? 
ATOM   61  N  N1    . A   A 1 3  ? -7.643  10.774  10.597  1.000 7.888  0 3   A   A N1    1 ? 
ATOM   62  C  C2    . A   A 1 3  ? -7.720  11.907  9.886   1.000 7.488  0 3   A   A C2    1 ? 
ATOM   63  N  N3    . A   A 1 3  ? -8.339  12.122  8.720   1.000 7.178  0 3   A   A N3    1 ? 
ATOM   64  C  C4    . A   A 1 3  ? -8.869  10.977  8.248   1.000 7.616  0 3   A   A C4    1 ? 
ATOM   65  P  P     . G   A 1 4  ? -6.889  10.935  2.568   1.000 14.442 0 4   G   A P     1 ? 
ATOM   66  O  OP1   . G   A 1 4  ? -6.655  11.300  1.121   1.000 16.527 0 4   G   A OP1   1 ? 
ATOM   67  O  OP2   . G   A 1 4  ? -6.797  9.509   2.943   1.000 15.516 0 4   G   A OP2   1 ? 
ATOM   68  O  "O5'" . G   A 1 4  ? -5.943  11.778  3.535   1.000 12.351 0 4   G   A "O5'" 1 ? 
ATOM   69  C  "C5'" . G   A 1 4  ? -5.655  13.161  3.313   1.000 12.777 0 4   G   A "C5'" 1 ? 
ATOM   70  C  "C4'" . G   A 1 4  ? -4.771  13.657  4.427   1.000 12.116 0 4   G   A "C4'" 1 ? 
ATOM   71  O  "O4'" . G   A 1 4  ? -5.431  13.604  5.717   1.000 11.837 0 4   G   A "O4'" 1 ? 
ATOM   72  C  "C3'" . G   A 1 4  ? -3.506  12.841  4.644   1.000 12.978 0 4   G   A "C3'" 1 ? 
ATOM   73  O  "O3'" . G   A 1 4  ? -2.537  13.122  3.653   1.000 15.041 0 4   G   A "O3'" 1 ? 
ATOM   74  C  "C2'" . G   A 1 4  ? -3.113  13.366  6.022   1.000 12.159 0 4   G   A "C2'" 1 ? 
ATOM   75  O  "O2'" . G   A 1 4  ? -2.630  14.669  6.037   1.000 13.952 0 4   G   A "O2'" 1 ? 
ATOM   76  C  "C1'" . G   A 1 4  ? -4.465  13.340  6.717   1.000 11.705 0 4   G   A "C1'" 1 ? 
ATOM   77  N  N9    . G   A 1 4  ? -4.767  12.047  7.297   1.000 9.957  0 4   G   A N9    1 ? 
ATOM   78  C  C8    . G   A 1 4  ? -5.511  11.054  6.735   1.000 9.346  0 4   G   A C8    1 ? 
ATOM   79  N  N7    . G   A 1 4  ? -5.619  9.978   7.457   1.000 9.622  0 4   G   A N7    1 ? 
ATOM   80  C  C5    . G   A 1 4  ? -4.922  10.298  8.615   1.000 8.824  0 4   G   A C5    1 ? 
ATOM   81  C  C6    . G   A 1 4  ? -4.715  9.516   9.783   1.000 8.154  0 4   G   A C6    1 ? 
ATOM   82  O  O6    . G   A 1 4  ? -5.133  8.357   10.000  1.000 9.321  0 4   G   A O6    1 ? 
ATOM   83  N  N1    . G   A 1 4  ? -3.861  10.194  10.653  1.000 8.909  0 4   G   A N1    1 ? 
ATOM   84  C  C2    . G   A 1 4  ? -3.348  11.459  10.498  1.000 9.770  0 4   G   A C2    1 ? 
ATOM   85  N  N2    . G   A 1 4  ? -2.537  11.928  11.446  1.000 9.726  0 4   G   A N2    1 ? 
ATOM   86  N  N3    . G   A 1 4  ? -3.561  12.206  9.411   1.000 10.065 0 4   G   A N3    1 ? 
ATOM   87  C  C4    . G   A 1 4  ? -4.345  11.548  8.525   1.000 9.735  0 4   G   A C4    1 ? 
ATOM   88  P  P     . DA  A 1 5  ? -1.616  11.904  3.169   1.000 18.195 0 5   DA  A P     1 ? 
ATOM   89  O  OP1   . DA  A 1 5  ? -0.846  12.502  2.038   1.000 22.112 0 5   DA  A OP1   1 ? 
ATOM   90  O  OP2   . DA  A 1 5  ? -2.286  10.592  2.991   1.000 18.226 0 5   DA  A OP2   1 ? 
ATOM   91  O  "O5'" . DA  A 1 5  ? -0.626  11.674  4.405   1.000 16.386 0 5   DA  A "O5'" 1 ? 
ATOM   92  C  "C5'" . DA  A 1 5  ? 0.205   12.744  4.867   1.000 15.818 0 5   DA  A "C5'" 1 ? 
ATOM   93  C  "C4'" . DA  A 1 5  ? 0.832   12.332  6.178   1.000 15.963 0 5   DA  A "C4'" 1 ? 
ATOM   94  O  "O4'" . DA  A 1 5  ? -0.170  12.250  7.221   1.000 14.388 0 5   DA  A "O4'" 1 ? 
ATOM   95  C  "C3'" . DA  A 1 5  ? 1.486   10.959  6.211   1.000 17.390 0 5   DA  A "C3'" 1 ? 
ATOM   96  O  "O3'" . DA  A 1 5  ? 2.734   10.959  5.535   1.000 18.456 0 5   DA  A "O3'" 1 ? 
ATOM   97  C  "C2'" . DA  A 1 5  ? 1.596   10.756  7.714   1.000 15.160 0 5   DA  A "C2'" 1 ? 
ATOM   98  C  "C1'" . DA  A 1 5  ? 0.219   11.236  8.149   1.000 14.286 0 5   DA  A "C1'" 1 ? 
ATOM   99  N  N9    . DA  A 1 5  ? -0.735  10.137  8.118   1.000 14.685 0 5   DA  A N9    1 ? 
ATOM   100 C  C8    . DA  A 1 5  ? -1.611  9.734   7.139   1.000 14.207 0 5   DA  A C8    1 ? 
ATOM   101 N  N7    . DA  A 1 5  ? -2.266  8.640   7.441   1.000 12.798 0 5   DA  A N7    1 ? 
ATOM   102 C  C5    . DA  A 1 5  ? -1.753  8.279   8.665   1.000 13.072 0 5   DA  A C5    1 ? 
ATOM   103 C  C6    . DA  A 1 5  ? -2.055  7.211   9.512   1.000 13.703 0 5   DA  A C6    1 ? 
ATOM   104 N  N6    . DA  A 1 5  ? -2.962  6.281   9.228   1.000 13.497 0 5   DA  A N6    1 ? 
ATOM   105 N  N1    . DA  A 1 5  ? -1.388  7.121   10.679  1.000 14.328 0 5   DA  A N1    1 ? 
ATOM   106 C  C2    . DA  A 1 5  ? -0.482  8.057   10.958  1.000 15.258 0 5   DA  A C2    1 ? 
ATOM   107 N  N3    . DA  A 1 5  ? -0.112  9.113   10.241  1.000 15.860 0 5   DA  A N3    1 ? 
ATOM   108 C  C4    . DA  A 1 5  ? -0.811  9.181   9.095   1.000 14.509 0 5   DA  A C4    1 ? 
ATOM   109 P  P     . A   A 1 6  ? 3.244   9.619   4.807   1.000 19.030 0 6   A   A P     1 ? 
ATOM   110 O  OP1   . A   A 1 6  ? 4.421   10.103  4.031   1.000 20.244 0 6   A   A OP1   1 ? 
ATOM   111 O  OP2   . A   A 1 6  ? 2.176   8.905   4.052   1.000 20.052 0 6   A   A OP2   1 ? 
ATOM   112 O  "O5'" . A   A 1 6  ? 3.583   8.462   5.889   1.000 17.778 0 6   A   A "O5'" 1 ? 
ATOM   113 C  "C5'" . A   A 1 6  ? 4.645   8.703   6.834   1.000 18.622 0 6   A   A "C5'" 1 ? 
ATOM   114 C  "C4'" . A   A 1 6  ? 4.609   7.711   7.970   1.000 16.799 0 6   A   A "C4'" 1 ? 
ATOM   115 O  "O4'" . A   A 1 6  ? 3.348   7.811   8.672   1.000 15.080 0 6   A   A "O4'" 1 ? 
ATOM   116 C  "C3'" . A   A 1 6  ? 4.682   6.221   7.642   1.000 15.583 0 6   A   A "C3'" 1 ? 
ATOM   117 O  "O3'" . A   A 1 6  ? 5.987   5.830   7.250   1.000 14.675 0 6   A   A "O3'" 1 ? 
ATOM   118 C  "C2'" . A   A 1 6  ? 4.236   5.661   8.998   1.000 16.336 0 6   A   A "C2'" 1 ? 
ATOM   119 O  "O2'" . A   A 1 6  ? 5.221   5.778   9.989   1.000 17.708 0 6   A   A "O2'" 1 ? 
ATOM   120 C  "C1'" . A   A 1 6  ? 3.040   6.577   9.305   1.000 14.786 0 6   A   A "C1'" 1 ? 
ATOM   121 N  N9    . A   A 1 6  ? 1.777   6.048   8.793   1.000 15.598 0 6   A   A N9    1 ? 
ATOM   122 C  C8    . A   A 1 6  ? 1.119   6.442   7.661   1.000 15.531 0 6   A   A C8    1 ? 
ATOM   123 N  N7    . A   A 1 6  ? 0.034   5.750   7.385   1.000 17.973 0 6   A   A N7    1 ? 
ATOM   124 C  C5    . A   A 1 6  ? -0.012  4.807   8.390   1.000 16.159 0 6   A   A C5    1 ? 
ATOM   125 C  C6    . A   A 1 6  ? -0.949  3.774   8.675   1.000 16.004 0 6   A   A C6    1 ? 
ATOM   126 N  N6    . A   A 1 6  ? -2.020  3.505   7.926   1.000 18.530 0 6   A   A N6    1 ? 
ATOM   127 N  N1    . A   A 1 6  ? -0.712  3.007   9.757   1.000 13.530 0 6   A   A N1    1 ? 
ATOM   128 C  C2    . A   A 1 6  ? 0.359   3.277   10.504  1.000 15.833 0 6   A   A C2    1 ? 
ATOM   129 N  N3    . A   A 1 6  ? 1.270   4.229   10.351  1.000 17.483 0 6   A   A N3    1 ? 
ATOM   130 C  C4    . A   A 1 6  ? 1.028   4.990   9.275   1.000 15.855 0 6   A   A C4    1 ? 
ATOM   131 P  P     . G   A 1 7  ? 6.172   4.619   6.234   1.000 15.911 0 7   G   A P     1 ? 
ATOM   132 O  OP1   . G   A 1 7  ? 7.618   4.481   5.887   1.000 19.022 0 7   G   A OP1   1 ? 
ATOM   133 O  OP2   . G   A 1 7  ? 5.140   4.572   5.193   1.000 16.690 0 7   G   A OP2   1 ? 
ATOM   134 O  "O5'" . G   A 1 7  ? 5.824   3.300   7.095   1.000 15.628 0 7   G   A "O5'" 1 ? 
ATOM   135 C  "C5'" . G   A 1 7  ? 6.724   2.873   8.102   1.000 15.006 0 7   G   A "C5'" 1 ? 
ATOM   136 C  "C4'" . G   A 1 7  ? 6.079   1.767   8.899   1.000 14.375 0 7   G   A "C4'" 1 ? 
ATOM   137 O  "O4'" . G   A 1 7  ? 4.818   2.203   9.448   1.000 13.449 0 7   G   A "O4'" 1 ? 
ATOM   138 C  "C3'" . G   A 1 7  ? 5.690   0.479   8.182   1.000 13.809 0 7   G   A "C3'" 1 ? 
ATOM   139 O  "O3'" . G   A 1 7  ? 6.854   -0.279  7.962   1.000 14.214 0 7   G   A "O3'" 1 ? 
ATOM   140 C  "C2'" . G   A 1 7  ? 4.826   -0.149  9.273   1.000 12.844 0 7   G   A "C2'" 1 ? 
ATOM   141 O  "O2'" . G   A 1 7  ? 5.605   -0.596  10.361  1.000 12.869 0 7   G   A "O2'" 1 ? 
ATOM   142 C  "C1'" . G   A 1 7  ? 3.985   1.074   9.617   1.000 13.104 0 7   G   A "C1'" 1 ? 
ATOM   143 N  N9    . G   A 1 7  ? 2.813   1.215   8.764   1.000 12.981 0 7   G   A N9    1 ? 
ATOM   144 C  C8    . G   A 1 7  ? 2.575   2.112   7.753   1.000 12.271 0 7   G   A C8    1 ? 
ATOM   145 N  N7    . G   A 1 7  ? 1.408   1.965   7.185   1.000 12.832 0 7   G   A N7    1 ? 
ATOM   146 C  C5    . G   A 1 7  ? 0.837   0.901   7.877   1.000 11.981 0 7   G   A C5    1 ? 
ATOM   147 C  C6    . G   A 1 7  ? -0.421  0.260   7.706   1.000 11.859 0 7   G   A C6    1 ? 
ATOM   148 O  O6    . G   A 1 7  ? -1.344  0.546   6.934   1.000 13.952 0 7   G   A O6    1 ? 
ATOM   149 N  N1    . G   A 1 7  ? -0.591  -0.757  8.633   1.000 11.094 0 7   G   A N1    1 ? 
ATOM   150 C  C2    . G   A 1 7  ? 0.324   -1.176  9.556   1.000 11.190 0 7   G   A C2    1 ? 
ATOM   151 N  N2    . G   A 1 7  ? -0.008  -2.211  10.341  1.000 12.168 0 7   G   A N2    1 ? 
ATOM   152 N  N3    . G   A 1 7  ? 1.511   -0.592  9.705   1.000 11.766 0 7   G   A N3    1 ? 
ATOM   153 C  C4    . G   A 1 7  ? 1.689   0.438   8.847   1.000 12.134 0 7   G   A C4    1 ? 
ATOM   154 P  P     . A   A 1 8  ? 6.926   -1.469  6.873   1.000 16.157 0 8   A   A P     1 ? 
ATOM   155 O  OP1   . A   A 1 8  ? 8.369   -1.886  6.757   1.000 17.875 0 8   A   A OP1   1 ? 
ATOM   156 O  OP2   . A   A 1 8  ? 6.181   -1.051  5.653   1.000 17.809 0 8   A   A OP2   1 ? 
ATOM   157 O  "O5'" . A   A 1 8  ? 6.026   -2.613  7.511   1.000 17.308 0 8   A   A "O5'" 1 ? 
ATOM   158 C  "C5'" . A   A 1 8  ? 6.472   -3.287  8.690   1.000 17.549 0 8   A   A "C5'" 1 ? 
ATOM   159 C  "C4'" . A   A 1 8  ? 5.427   -4.285  9.099   1.000 17.431 0 8   A   A "C4'" 1 ? 
ATOM   160 O  "O4'" . A   A 1 8  ? 4.175   -3.620  9.405   1.000 15.260 0 8   A   A "O4'" 1 ? 
ATOM   161 C  "C3'" . A   A 1 8  ? 5.029   -5.328  8.055   1.000 17.937 0 8   A   A "C3'" 1 ? 
ATOM   162 O  "O3'" . A   A 1 8  ? 5.962   -6.406  8.027   1.000 18.172 0 8   A   A "O3'" 1 ? 
ATOM   163 C  "C2'" . A   A 1 8  ? 3.694   -5.782  8.642   1.000 17.411 0 8   A   A "C2'" 1 ? 
ATOM   164 O  "O2'" . A   A 1 8  ? 3.864   -6.587  9.791   1.000 21.121 0 8   A   A "O2'" 1 ? 
ATOM   165 C  "C1'" . A   A 1 8  ? 3.091   -4.438  9.022   1.000 16.816 0 8   A   A "C1'" 1 ? 
ATOM   166 N  N9    . A   A 1 8  ? 2.378   -3.745  7.958   1.000 13.564 0 8   A   A N9    1 ? 
ATOM   167 C  C8    . A   A 1 8  ? 2.823   -2.688  7.212   1.000 13.149 0 8   A   A C8    1 ? 
ATOM   168 N  N7    . A   A 1 8  ? 1.939   -2.203  6.363   1.000 12.659 0 8   A   A N7    1 ? 
ATOM   169 C  C5    . A   A 1 8  ? 0.825   -2.988  6.601   1.000 11.311 0 8   A   A C5    1 ? 
ATOM   170 C  C6    . A   A 1 8  ? -0.454  -3.004  6.014   1.000 10.895 0 8   A   A C6    1 ? 
ATOM   171 N  N6    . A   A 1 8  ? -0.823  -2.113  5.119   1.000 12.989 0 8   A   A N6    1 ? 
ATOM   172 N  N1    . A   A 1 8  ? -1.330  -3.919  6.466   1.000 12.841 0 8   A   A N1    1 ? 
ATOM   173 C  C2    . A   A 1 8  ? -0.948  -4.775  7.417   1.000 14.414 0 8   A   A C2    1 ? 
ATOM   174 N  N3    . A   A 1 8  ? 0.222   -4.876  8.043   1.000 13.493 0 8   A   A N3    1 ? 
ATOM   175 C  C4    . A   A 1 8  ? 1.071   -3.940  7.579   1.000 13.672 0 8   A   A C4    1 ? 
ATOM   176 P  P     . U   A 1 9  ? 6.381   -7.065  6.625   1.000 21.084 0 9   U   A P     1 ? 
ATOM   177 O  OP1   . U   A 1 9  ? 7.592   -7.931  6.800   1.000 23.474 0 9   U   A OP1   1 ? 
ATOM   178 O  OP2   . U   A 1 9  ? 6.415   -6.012  5.591   1.000 19.326 0 9   U   A OP2   1 ? 
ATOM   179 O  "O5'" . U   A 1 9  ? 5.146   -8.016  6.337   1.000 19.113 0 9   U   A "O5'" 1 ? 
ATOM   180 C  "C5'" . U   A 1 9  ? 4.808   -9.043  7.278   1.000 20.824 0 9   U   A "C5'" 1 ? 
ATOM   181 C  "C4'" . U   A 1 9  ? 3.410   -9.513  6.988   1.000 20.665 0 9   U   A "C4'" 1 ? 
ATOM   182 O  "O4'" . U   A 1 9  ? 2.446   -8.451  7.236   1.000 18.560 0 9   U   A "O4'" 1 ? 
ATOM   183 C  "C3'" . U   A 1 9  ? 3.122   -9.897  5.530   1.000 21.011 0 9   U   A "C3'" 1 ? 
ATOM   184 O  "O3'" . U   A 1 9  ? 3.612   -11.186 5.193   1.000 21.330 0 9   U   A "O3'" 1 ? 
ATOM   185 C  "C2'" . U   A 1 9  ? 1.602   -9.860  5.538   1.000 19.762 0 9   U   A "C2'" 1 ? 
ATOM   186 O  "O2'" . U   A 1 9  ? 0.998   -10.896 6.271   1.000 21.462 0 9   U   A "O2'" 1 ? 
ATOM   187 C  "C1'" . U   A 1 9  ? 1.363   -8.582  6.333   1.000 18.347 0 9   U   A "C1'" 1 ? 
ATOM   188 N  N1    . U   A 1 9  ? 1.294   -7.377  5.477   1.000 15.689 0 9   U   A N1    1 ? 
ATOM   189 C  C2    . U   A 1 9  ? 0.077   -7.099  4.880   1.000 14.177 0 9   U   A C2    1 ? 
ATOM   190 O  O2    . U   A 1 9  ? -0.875  -7.856  4.983   1.000 18.468 0 9   U   A O2    1 ? 
ATOM   191 N  N3    . U   A 1 9  ? 0.054   -5.948  4.129   1.000 15.066 0 9   U   A N3    1 ? 
ATOM   192 C  C4    . U   A 1 9  ? 1.094   -5.057  3.934   1.000 14.183 0 9   U   A C4    1 ? 
ATOM   193 O  O4    . U   A 1 9  ? 0.951   -4.056  3.231   1.000 16.521 0 9   U   A O4    1 ? 
ATOM   194 C  C5    . U   A 1 9  ? 2.319   -5.421  4.579   1.000 15.009 0 9   U   A C5    1 ? 
ATOM   195 C  C6    . U   A 1 9  ? 2.374   -6.549  5.305   1.000 14.212 0 9   U   A C6    1 ? 
ATOM   196 P  P     . C   A 1 10 ? 4.102   -11.486 3.703   1.000 23.539 0 10  C   A P     1 ? 
ATOM   197 O  OP1   . C   A 1 10 ? 4.734   -12.843 3.714   1.000 28.126 0 10  C   A OP1   1 ? 
ATOM   198 O  OP2   . C   A 1 10 ? 4.870   -10.351 3.127   1.000 21.465 0 10  C   A OP2   1 ? 
ATOM   199 O  "O5'" . C   A 1 10 ? 2.728   -11.558 2.884   1.000 20.973 0 10  C   A "O5'" 1 ? 
ATOM   200 C  "C5'" . C   A 1 10 ? 1.764   -12.574 3.193   1.000 19.233 0 10  C   A "C5'" 1 ? 
ATOM   201 C  "C4'" . C   A 1 10 ? 0.480   -12.257 2.466   1.000 18.791 0 10  C   A "C4'" 1 ? 
ATOM   202 O  "O4'" . C   A 1 10 ? -0.088  -11.002 2.948   1.000 17.166 0 10  C   A "O4'" 1 ? 
ATOM   203 C  "C3'" . C   A 1 10 ? 0.591   -12.054 0.947   1.000 18.975 0 10  C   A "C3'" 1 ? 
ATOM   204 O  "O3'" . C   A 1 10 ? 0.622   -13.297 0.257   1.000 21.133 0 10  C   A "O3'" 1 ? 
ATOM   205 C  "C2'" . C   A 1 10 ? -0.737  -11.361 0.707   1.000 17.253 0 10  C   A "C2'" 1 ? 
ATOM   206 O  "O2'" . C   A 1 10 ? -1.852  -12.195 0.872   1.000 18.517 0 10  C   A "O2'" 1 ? 
ATOM   207 C  "C1'" . C   A 1 10 ? -0.775  -10.391 1.885   1.000 17.753 0 10  C   A "C1'" 1 ? 
ATOM   208 N  N1    . C   A 1 10 ? -0.121  -9.109  1.553   1.000 14.591 0 10  C   A N1    1 ? 
ATOM   209 C  C2    . C   A 1 10 ? -0.906  -8.218  0.824   1.000 13.858 0 10  C   A C2    1 ? 
ATOM   210 O  O2    . C   A 1 10 ? -2.051  -8.585  0.477   1.000 14.327 0 10  C   A O2    1 ? 
ATOM   211 N  N3    . C   A 1 10 ? -0.364  -7.014  0.515   1.000 13.113 0 10  C   A N3    1 ? 
ATOM   212 C  C4    . C   A 1 10 ? 0.882   -6.707  0.869   1.000 12.896 0 10  C   A C4    1 ? 
ATOM   213 N  N4    . C   A 1 10 ? 1.357   -5.544  0.495   1.000 13.274 0 10  C   A N4    1 ? 
ATOM   214 C  C5    . C   A 1 10 ? 1.702   -7.629  1.583   1.000 13.656 0 10  C   A C5    1 ? 
ATOM   215 C  C6    . C   A 1 10 ? 1.155   -8.802  1.917   1.000 13.475 0 10  C   A C6    1 ? 
ATOM   216 P  P     . U   A 1 11 ? 1.432   -13.444 -1.104  1.000 22.287 0 11  U   A P     1 ? 
ATOM   217 O  OP1   . U   A 1 11 ? 1.516   -14.870 -1.557  1.000 23.579 0 11  U   A OP1   1 ? 
ATOM   218 O  OP2   . U   A 1 11 ? 2.683   -12.650 -1.119  1.000 22.637 0 11  U   A OP2   1 ? 
ATOM   219 O  "O5'" . U   A 1 11 ? 0.524   -12.589 -2.122  1.000 19.066 0 11  U   A "O5'" 1 ? 
ATOM   220 C  "C5'" . U   A 1 11 ? -0.771  -13.097 -2.430  1.000 17.309 0 11  U   A "C5'" 1 ? 
ATOM   221 C  "C4'" . U   A 1 11 ? -1.581  -12.043 -3.146  1.000 17.727 0 11  U   A "C4'" 1 ? 
ATOM   222 O  "O4'" . U   A 1 11 ? -1.677  -10.840 -2.346  1.000 18.313 0 11  U   A "O4'" 1 ? 
ATOM   223 C  "C3'" . U   A 1 11 ? -1.011  -11.500 -4.463  1.000 17.252 0 11  U   A "C3'" 1 ? 
ATOM   224 O  "O3'" . U   A 1 11 ? -1.149  -12.433 -5.517  1.000 17.316 0 11  U   A "O3'" 1 ? 
ATOM   225 C  "C2'" . U   A 1 11 ? -1.932  -10.304 -4.675  1.000 18.294 0 11  U   A "C2'" 1 ? 
ATOM   226 O  "O2'" . U   A 1 11 ? -3.234  -10.665 -5.072  1.000 22.136 0 11  U   A "O2'" 1 ? 
ATOM   227 C  "C1'" . U   A 1 11 ? -1.936  -9.783  -3.242  1.000 17.307 0 11  U   A "C1'" 1 ? 
ATOM   228 N  N1    . U   A 1 11 ? -0.897  -8.842  -3.051  1.000 16.452 0 11  U   A N1    1 ? 
ATOM   229 C  C2    . U   A 1 11 ? -1.142  -7.595  -3.603  1.000 15.619 0 11  U   A C2    1 ? 
ATOM   230 O  O2    . U   A 1 11 ? -2.167  -7.342  -4.214  1.000 19.858 0 11  U   A O2    1 ? 
ATOM   231 N  N3    . U   A 1 11 ? -0.160  -6.707  -3.366  1.000 14.379 0 11  U   A N3    1 ? 
ATOM   232 C  C4    . U   A 1 11 ? 1.025   -6.906  -2.697  1.000 15.433 0 11  U   A C4    1 ? 
ATOM   233 O  O4    . U   A 1 11 ? 1.829   -5.984  -2.598  1.000 18.756 0 11  U   A O4    1 ? 
ATOM   234 C  C5    . U   A 1 11 ? 1.238   -8.240  -2.241  1.000 17.205 0 11  U   A C5    1 ? 
ATOM   235 C  C6    . U   A 1 11 ? 0.277   -9.136  -2.423  1.000 14.246 0 11  U   A C6    1 ? 
HETATM 236 P  P     . SUR A 1 12 ? -0.199  -12.445 -6.828  1.000 15.826 0 12  SUR A P     1 ? 
HETATM 237 O  OP1   . SUR A 1 12 ? -0.661  -13.712 -7.315  1.000 17.278 0 12  SUR A OP1   1 ? 
HETATM 238 O  OP2   . SUR A 1 12 ? 1.147   -11.984 -6.455  1.000 15.425 0 12  SUR A OP2   1 ? 
HETATM 239 O  "O5'" . SUR A 1 12 ? -0.874  -11.256 -7.695  1.000 12.924 0 12  SUR A "O5'" 1 ? 
HETATM 240 C  "C5'" . SUR A 1 12 ? -2.107  -11.419 -8.328  1.000 12.307 0 12  SUR A "C5'" 1 ? 
HETATM 241 C  "C4'" . SUR A 1 12 ? -2.370  -10.204 -9.184  1.000 12.134 0 12  SUR A "C4'" 1 ? 
HETATM 242 O  "O4'" . SUR A 1 12 ? -2.490  -9.012  -8.388  1.000 11.676 0 12  SUR A "O4'" 1 ? 
HETATM 243 C  "C3'" . SUR A 1 12 ? -1.227  -9.843  -10.134 1.000 11.810 0 12  SUR A "C3'" 1 ? 
HETATM 244 C  "C1'" . SUR A 1 12 ? -1.927  -7.916  -9.140  1.000 11.822 0 12  SUR A "C1'" 1 ? 
HETATM 245 N  N1    . SUR A 1 12 ? -0.810  -7.402  -8.295  1.000 12.216 0 12  SUR A N1    1 ? 
HETATM 246 C  "C2'" . SUR A 1 12 ? -1.512  -8.456  -10.501 1.000 11.725 0 12  SUR A "C2'" 1 ? 
HETATM 247 C  C6    . SUR A 1 12 ? -0.209  -8.194  -7.307  1.000 13.754 0 12  SUR A C6    1 ? 
HETATM 248 C  C2    . SUR A 1 12 ? -0.369  -6.158  -8.496  1.000 13.593 0 12  SUR A C2    1 ? 
HETATM 249 C  C5    . SUR A 1 12 ? 0.800   -7.691  -6.515  1.000 13.534 0 12  SUR A C5    1 ? 
HETATM 250 S  S2    . SUR A 1 12 ? -1.015  -5.159  -9.747  1.000 14.132 0 12  SUR A S2    1 ? 
HETATM 251 N  N3    . SUR A 1 12 ? 0.647   -5.654  -7.684  1.000 12.451 0 12  SUR A N3    1 ? 
HETATM 252 C  C4    . SUR A 1 12 ? 1.229   -6.404  -6.688  1.000 14.021 0 12  SUR A C4    1 ? 
HETATM 253 O  O4    . SUR A 1 12 ? 2.114   -5.901  -6.001  1.000 14.806 0 12  SUR A O4    1 ? 
HETATM 254 O  "O2'" . SUR A 1 12 ? -2.722  -8.341  -11.300 1.000 12.546 0 12  SUR A "O2'" 1 ? 
HETATM 255 O  "O3'" . SUR A 1 12 ? -1.263  -10.675 -11.298 1.000 11.024 0 12  SUR A "O3'" 1 ? 
ATOM   256 P  P     . C   A 1 13 ? 0.091   -11.112 -12.012 1.000 12.523 0 13  C   A P     1 ? 
ATOM   257 O  OP1   . C   A 1 13 ? -0.247  -12.147 -13.095 1.000 13.443 0 13  C   A OP1   1 ? 
ATOM   258 O  OP2   . C   A 1 13 ? 1.228   -11.436 -11.140 1.000 13.572 0 13  C   A OP2   1 ? 
ATOM   259 O  "O5'" . C   A 1 13 ? 0.646   -9.821  -12.778 1.000 12.153 0 13  C   A "O5'" 1 ? 
ATOM   260 C  "C5'" . C   A 1 13 ? -0.151  -9.230  -13.800 1.000 11.622 0 13  C   A "C5'" 1 ? 
ATOM   261 C  "C4'" . C   A 1 13 ? 0.373   -7.863  -14.140 1.000 11.318 0 13  C   A "C4'" 1 ? 
ATOM   262 O  "O4'" . C   A 1 13 ? 0.175   -6.985  -13.008 1.000 11.200 0 13  C   A "O4'" 1 ? 
ATOM   263 C  "C3'" . C   A 1 13 ? 1.869   -7.724  -14.446 1.000 10.396 0 13  C   A "C3'" 1 ? 
ATOM   264 O  "O3'" . C   A 1 13 ? 2.168   -8.112  -15.770 1.000 9.954  0 13  C   A "O3'" 1 ? 
ATOM   265 C  "C2'" . C   A 1 13 ? 2.020   -6.214  -14.291 1.000 9.453  0 13  C   A "C2'" 1 ? 
ATOM   266 O  "O2'" . C   A 1 13 ? 1.405   -5.484  -15.328 1.000 11.229 0 13  C   A "O2'" 1 ? 
ATOM   267 C  "C1'" . C   A 1 13 ? 1.188   -5.996  -13.031 1.000 10.019 0 13  C   A "C1'" 1 ? 
ATOM   268 N  N1    . C   A 1 13 ? 1.993   -6.101  -11.795 1.000 9.724  0 13  C   A N1    1 ? 
ATOM   269 C  C2    . C   A 1 13 ? 2.736   -4.955  -11.435 1.000 10.320 0 13  C   A C2    1 ? 
ATOM   270 O  O2    . C   A 1 13 ? 2.733   -3.971  -12.186 1.000 11.081 0 13  C   A O2    1 ? 
ATOM   271 N  N3    . C   A 1 13 ? 3.488   -5.013  -10.318 1.000 9.967  0 13  C   A N3    1 ? 
ATOM   272 C  C4    . C   A 1 13 ? 3.509   -6.106  -9.549  1.000 10.365 0 13  C   A C4    1 ? 
ATOM   273 N  N4    . C   A 1 13 ? 4.225   -6.074  -8.436  1.000 10.692 0 13  C   A N4    1 ? 
ATOM   274 C  C5    . C   A 1 13 ? 2.778   -7.289  -9.914  1.000 10.059 0 13  C   A C5    1 ? 
ATOM   275 C  C6    . C   A 1 13 ? 2.043   -7.227  -11.031 1.000 9.922  0 13  C   A C6    1 ? 
ATOM   276 P  P     . U   A 1 14 ? 3.591   -8.721  -16.165 1.000 10.567 0 14  U   A P     1 ? 
ATOM   277 O  OP1   . U   A 1 14 ? 3.513   -9.230  -17.570 1.000 12.665 0 14  U   A OP1   1 ? 
ATOM   278 O  OP2   . U   A 1 14 ? 4.008   -9.611  -15.082 1.000 12.556 0 14  U   A OP2   1 ? 
ATOM   279 O  "O5'" . U   A 1 14 ? 4.605   -7.492  -16.116 1.000 9.038  0 14  U   A "O5'" 1 ? 
ATOM   280 C  "C5'" . U   A 1 14 ? 4.503   -6.503  -17.148 1.000 9.460  0 14  U   A "C5'" 1 ? 
ATOM   281 C  "C4'" . U   A 1 14 ? 5.297   -5.284  -16.755 1.000 8.910  0 14  U   A "C4'" 1 ? 
ATOM   282 O  "O4'" . U   A 1 14 ? 4.859   -4.753  -15.495 1.000 8.557  0 14  U   A "O4'" 1 ? 
ATOM   283 C  "C3'" . U   A 1 14 ? 6.811   -5.441  -16.577 1.000 8.251  0 14  U   A "C3'" 1 ? 
ATOM   284 O  "O3'" . U   A 1 14 ? 7.448   -5.446  -17.838 1.000 8.509  0 14  U   A "O3'" 1 ? 
ATOM   285 C  "C2'" . U   A 1 14 ? 7.107   -4.164  -15.789 1.000 8.355  0 14  U   A "C2'" 1 ? 
ATOM   286 O  "O2'" . U   A 1 14 ? 6.975   -3.025  -16.613 1.000 8.778  0 14  U   A "O2'" 1 ? 
ATOM   287 C  "C1'" . U   A 1 14 ? 5.969   -4.188  -14.800 1.000 8.052  0 14  U   A "C1'" 1 ? 
ATOM   288 N  N1    . U   A 1 14 ? 6.263   -4.981  -13.589 1.000 7.208  0 14  U   A N1    1 ? 
ATOM   289 C  C2    . U   A 1 14 ? 6.989   -4.356  -12.595 1.000 7.549  0 14  U   A C2    1 ? 
ATOM   290 O  O2    . U   A 1 14 ? 7.515   -3.278  -12.746 1.000 7.638  0 14  U   A O2    1 ? 
ATOM   291 N  N3    . U   A 1 14 ? 7.141   -5.087  -11.444 1.000 7.314  0 14  U   A N3    1 ? 
ATOM   292 C  C4    . U   A 1 14 ? 6.595   -6.315  -11.138 1.000 7.706  0 14  U   A C4    1 ? 
ATOM   293 O  O4    . U   A 1 14 ? 6.827   -6.874  -10.055 1.000 9.588  0 14  U   A O4    1 ? 
ATOM   294 C  C5    . U   A 1 14 ? 5.840   -6.887  -12.219 1.000 7.702  0 14  U   A C5    1 ? 
ATOM   295 C  C6    . U   A 1 14 ? 5.703   -6.218  -13.379 1.000 7.656  0 14  U   A C6    1 ? 
ATOM   296 P  P     . C   A 1 15 ? 8.866   -6.136  -18.086 1.000 9.883  0 15  C   A P     1 ? 
ATOM   297 O  OP1   . C   A 1 15 ? 9.088   -6.166  -19.559 1.000 11.131 0 15  C   A OP1   1 ? 
ATOM   298 O  OP2   . C   A 1 15 ? 8.972   -7.409  -17.323 1.000 12.068 0 15  C   A OP2   1 ? 
ATOM   299 O  "O5'" . C   A 1 15 ? 9.947   -5.179  -17.410 1.000 9.745  0 15  C   A "O5'" 1 ? 
ATOM   300 C  "C5'" . C   A 1 15 ? 10.125  -3.841  -17.919 1.000 9.182  0 15  C   A "C5'" 1 ? 
ATOM   301 C  "C4'" . C   A 1 15 ? 10.953  -3.016  -16.951 1.000 8.689  0 15  C   A "C4'" 1 ? 
ATOM   302 O  "O4'" . C   A 1 15 ? 10.272  -2.879  -15.693 1.000 8.458  0 15  C   A "O4'" 1 ? 
ATOM   303 C  "C3'" . C   A 1 15 ? 12.293  -3.635  -16.561 1.000 9.027  0 15  C   A "C3'" 1 ? 
ATOM   304 O  "O3'" . C   A 1 15 ? 13.278  -3.382  -17.566 1.000 9.294  0 15  C   A "O3'" 1 ? 
ATOM   305 C  "C2'" . C   A 1 15 ? 12.608  -2.873  -15.294 1.000 9.294  0 15  C   A "C2'" 1 ? 
ATOM   306 O  "O2'" . C   A 1 15 ? 12.893  -1.500  -15.487 1.000 10.394 0 15  C   A "O2'" 1 ? 
ATOM   307 C  "C1'" . C   A 1 15 ? 11.224  -2.917  -14.648 1.000 8.393  0 15  C   A "C1'" 1 ? 
ATOM   308 N  N1    . C   A 1 15 ? 10.944  -4.136  -13.828 1.000 7.760  0 15  C   A N1    1 ? 
ATOM   309 C  C2    . C   A 1 15 ? 11.391  -4.114  -12.501 1.000 7.999  0 15  C   A C2    1 ? 
ATOM   310 O  O2    . C   A 1 15 ? 12.118  -3.173  -12.129 1.000 7.977  0 15  C   A O2    1 ? 
ATOM   311 N  N3    . C   A 1 15 ? 11.056  -5.147  -11.677 1.000 7.668  0 15  C   A N3    1 ? 
ATOM   312 C  C4    . C   A 1 15 ? 10.298  -6.142  -12.119 1.000 8.581  0 15  C   A C4    1 ? 
ATOM   313 N  N4    . C   A 1 15 ? 9.943   -7.079  -11.261 1.000 8.881  0 15  C   A N4    1 ? 
ATOM   314 C  C5    . C   A 1 15 ? 9.861   -6.221  -13.474 1.000 7.871  0 15  C   A C5    1 ? 
ATOM   315 C  C6    . C   A 1 15 ? 10.210  -5.204  -14.285 1.000 7.884  0 15  C   A C6    1 ? 
ATOM   316 P  P     . U   A 1 16 ? 14.378  -4.483  -17.859 1.000 10.592 0 16  U   A P     1 ? 
ATOM   317 O  OP1   . U   A 1 16 ? 15.179  -3.914  -18.990 1.000 12.340 0 16  U   A OP1   1 ? 
ATOM   318 O  OP2   . U   A 1 16 ? 13.811  -5.841  -17.965 1.000 10.810 0 16  U   A OP2   1 ? 
ATOM   319 O  "O5'" . U   A 1 16 ? 15.271  -4.582  -16.536 1.000 9.287  0 16  U   A "O5'" 1 ? 
ATOM   320 C  "C5'" . U   A 1 16 ? 16.110  -3.463  -16.223 1.000 9.015  0 16  U   A "C5'" 1 ? 
ATOM   321 C  "C4'" . U   A 1 16 ? 16.695  -3.656  -14.851 1.000 9.101  0 16  U   A "C4'" 1 ? 
ATOM   322 O  "O4'" . U   A 1 16 ? 15.641  -3.656  -13.868 1.000 8.808  0 16  U   A "O4'" 1 ? 
ATOM   323 C  "C3'" . U   A 1 16 ? 17.459  -4.952  -14.578 1.000 9.075  0 16  U   A "C3'" 1 ? 
ATOM   324 O  "O3'" . U   A 1 16 ? 18.792  -4.894  -15.108 1.000 9.539  0 16  U   A "O3'" 1 ? 
ATOM   325 C  "C2'" . U   A 1 16 ? 17.430  -4.980  -13.054 1.000 9.276  0 16  U   A "C2'" 1 ? 
ATOM   326 O  "O2'" . U   A 1 16 ? 18.412  -4.074  -12.543 1.000 10.680 0 16  U   A "O2'" 1 ? 
ATOM   327 C  "C1'" . U   A 1 16 ? 16.004  -4.487  -12.788 1.000 8.717  0 16  U   A "C1'" 1 ? 
ATOM   328 N  N1    . U   A 1 16 ? 15.030  -5.605  -12.673 1.000 7.673  0 16  U   A N1    1 ? 
ATOM   329 C  C2    . U   A 1 16 ? 14.939  -6.228  -11.438 1.000 8.391  0 16  U   A C2    1 ? 
ATOM   330 O  O2    . U   A 1 16 ? 15.653  -5.950  -10.497 1.000 9.249  0 16  U   A O2    1 ? 
ATOM   331 N  N3    . U   A 1 16 ? 14.012  -7.221  -11.382 1.000 8.557  0 16  U   A N3    1 ? 
ATOM   332 C  C4    . U   A 1 16 ? 13.208  -7.698  -12.386 1.000 7.969  0 16  U   A C4    1 ? 
ATOM   333 O  O4    . U   A 1 16 ? 12.485  -8.681  -12.175 1.000 8.721  0 16  U   A O4    1 ? 
ATOM   334 C  C5    . U   A 1 16 ? 13.355  -7.010  -13.637 1.000 7.866  0 16  U   A C5    1 ? 
ATOM   335 C  C6    . U   A 1 16 ? 14.250  -6.005  -13.729 1.000 7.222  0 16  U   A C6    1 ? 
HETATM 336 MG MG    . MG  B 2 .  ? 16.105  -3.702  -20.707 1.000 27.924 0 101 MG  A MG    1 ? 
HETATM 337 O  O     . HOH C 3 .  ? 2.737   4.349   11.822  1.000 33.861 0 201 HOH A O     1 ? 
HETATM 338 O  O     . HOH C 3 .  ? 3.901   -6.704  -1.820  1.000 38.775 0 202 HOH A O     1 ? 
HETATM 339 O  O     . HOH C 3 .  ? -3.645  -6.899  -6.074  1.000 46.238 0 203 HOH A O     1 ? 
HETATM 340 O  O     . HOH C 3 .  ? -1.554  5.256   5.542   1.000 28.762 0 204 HOH A O     1 ? 
HETATM 341 O  O     . HOH C 3 .  ? -3.633  16.776  6.895   1.000 34.791 0 205 HOH A O     1 ? 
HETATM 342 O  O     . HOH C 3 .  ? 4.009   -11.118 -19.135 1.000 30.757 0 206 HOH A O     1 ? 
HETATM 343 O  O     . HOH C 3 .  ? -5.199  10.540  -0.779  1.000 33.766 0 207 HOH A O     1 ? 
HETATM 344 O  O     . HOH C 3 .  ? -14.968 1.605   13.635  1.000 31.403 0 208 HOH A O     1 ? 
HETATM 345 O  O     . HOH C 3 .  ? 9.335   -3.849  5.507   1.000 39.912 0 209 HOH A O     1 ? 
HETATM 346 O  O     . HOH C 3 .  ? 9.073   4.517   3.798   1.000 32.343 0 210 HOH A O     1 ? 
HETATM 347 O  O     . HOH C 3 .  ? -13.729 3.287   3.422   1.000 23.699 0 211 HOH A O     1 ? 
HETATM 348 O  O     . HOH C 3 .  ? 0.633   -14.542 -12.890 1.000 28.285 0 212 HOH A O     1 ? 
HETATM 349 O  O     . HOH C 3 .  ? 6.557   -9.272  -9.183  1.000 24.513 0 213 HOH A O     1 ? 
HETATM 350 O  O     . HOH C 3 .  ? 20.252  -6.936  -14.414 1.000 22.010 0 214 HOH A O     1 ? 
HETATM 351 O  O     . HOH C 3 .  ? 2.098   -1.873  2.381   1.000 24.579 0 215 HOH A O     1 ? 
HETATM 352 O  O     . HOH C 3 .  ? 0.062   -6.507  10.105  1.000 35.509 0 216 HOH A O     1 ? 
HETATM 353 O  O     . HOH C 3 .  ? -1.910  2.028   4.822   1.000 28.618 0 217 HOH A O     1 ? 
HETATM 354 O  O     . HOH C 3 .  ? 1.057   -6.097  -17.888 0.330 12.924 0 218 HOH A O     1 ? 
HETATM 355 O  O     . HOH C 3 .  ? -0.958  15.886  4.346   1.000 25.993 0 219 HOH A O     1 ? 
HETATM 356 O  O     . HOH C 3 .  ? -12.969 9.146   0.183   1.000 38.178 0 220 HOH A O     1 ? 
HETATM 357 O  O     . HOH C 3 .  ? 0.663   3.358   5.013   1.000 17.412 0 221 HOH A O     1 ? 
HETATM 358 O  O     . HOH C 3 .  ? 6.527   -10.188 -14.348 1.000 28.910 0 222 HOH A O     1 ? 
HETATM 359 O  O     . HOH C 3 .  ? 10.903  -9.949  -13.951 1.000 19.119 0 223 HOH A O     1 ? 
HETATM 360 O  O     . HOH C 3 .  ? -6.478  6.379   8.751   1.000 21.438 0 224 HOH A O     1 ? 
HETATM 361 O  O     . HOH C 3 .  ? 1.888   10.398  11.520  1.000 29.955 0 225 HOH A O     1 ? 
HETATM 362 O  O     . HOH C 3 .  ? 5.299   -3.764  4.590   1.000 24.670 0 226 HOH A O     1 ? 
HETATM 363 O  O     . HOH C 3 .  ? -2.795  9.353   0.639   1.000 37.368 0 227 HOH A O     1 ? 
HETATM 364 O  O     . HOH C 3 .  ? -12.454 5.846   0.038   1.000 44.542 0 228 HOH A O     1 ? 
HETATM 365 O  O     . HOH C 3 .  ? -11.062 5.400   6.693   1.000 29.261 0 229 HOH A O     1 ? 
HETATM 366 O  O     . HOH C 3 .  ? 8.447   -8.735  -15.010 1.000 34.724 0 230 HOH A O     1 ? 
HETATM 367 O  O     . HOH C 3 .  ? -17.601 9.747   9.201   1.000 26.141 0 231 HOH A O     1 ? 
HETATM 368 O  O     . HOH C 3 .  ? -6.848  8.269   5.731   1.000 25.321 0 232 HOH A O     1 ? 
HETATM 369 O  O     . HOH C 3 .  ? 11.090  0.480   -15.977 1.000 21.686 0 233 HOH A O     1 ? 
HETATM 370 O  O     . HOH C 3 .  ? -9.205  6.121   8.480   1.000 17.872 0 234 HOH A O     1 ? 
HETATM 371 O  O     . HOH C 3 .  ? 14.783  -2.335  -21.178 1.000 30.570 0 235 HOH A O     1 ? 
HETATM 372 O  O     . HOH C 3 .  ? -9.924  8.276   0.048   1.000 39.788 0 236 HOH A O     1 ? 
HETATM 373 O  O     . HOH C 3 .  ? 4.426   -6.599  -4.713  1.000 27.218 0 237 HOH A O     1 ? 
HETATM 374 O  O     . HOH C 3 .  ? -7.728  13.194  -0.537  1.000 39.548 0 238 HOH A O     1 ? 
HETATM 375 O  O     . HOH C 3 .  ? -11.693 5.765   10.920  1.000 28.323 0 239 HOH A O     1 ? 
HETATM 376 O  O     . HOH C 3 .  ? -10.612 7.129   13.024  1.000 17.404 0 240 HOH A O     1 ? 
HETATM 377 O  O     . HOH C 3 .  ? -3.834  7.159   5.730   1.000 20.575 0 241 HOH A O     1 ? 
HETATM 378 O  O     . HOH C 3 .  ? -4.233  8.678   3.516   1.000 25.425 0 242 HOH A O     1 ? 
HETATM 379 O  O     . HOH C 3 .  ? 17.932  -5.685  -8.966  1.000 23.927 0 243 HOH A O     1 ? 
HETATM 380 O  O     . HOH C 3 .  ? -1.312  12.041  -0.650  1.000 33.819 0 244 HOH A O     1 ? 
HETATM 381 O  O     . HOH C 3 .  ? 5.169   -7.576  3.031   1.000 32.846 0 245 HOH A O     1 ? 
HETATM 382 O  O     . HOH C 3 .  ? 3.379   -0.072  5.274   1.000 28.609 0 246 HOH A O     1 ? 
HETATM 383 O  O     . HOH C 3 .  ? -2.911  -6.483  -13.378 1.000 21.698 0 247 HOH A O     1 ? 
HETATM 384 O  O     . HOH C 3 .  ? 2.363   -10.611 -8.718  1.000 17.745 0 248 HOH A O     1 ? 
HETATM 385 O  O     . HOH C 3 .  ? 2.436   5.160   4.749   1.000 29.235 0 249 HOH A O     1 ? 
HETATM 386 O  O     . HOH C 3 .  ? 8.035   5.731   9.983   0.330 13.408 0 250 HOH A O     1 ? 
HETATM 387 O  O     . HOH C 3 .  ? -13.860 12.853  6.400   1.000 21.264 0 251 HOH A O     1 ? 
HETATM 388 O  O     . HOH C 3 .  ? -8.320  14.601  7.375   1.000 18.439 0 252 HOH A O     1 ? 
HETATM 389 O  O     . HOH C 3 .  ? 3.071   -12.257 -15.384 1.000 13.666 0 253 HOH A O     1 ? 
HETATM 390 O  O     . HOH C 3 .  ? 2.649   -9.989  -5.135  1.000 20.057 0 254 HOH A O     1 ? 
HETATM 391 O  O     . HOH C 3 .  ? 3.489   7.151   2.263   1.000 38.306 0 255 HOH A O     1 ? 
HETATM 392 O  O     . HOH C 3 .  ? 8.024   -3.998  -21.058 1.000 39.029 0 256 HOH A O     1 ? 
HETATM 393 O  O     . HOH C 3 .  ? -9.244  14.681  2.187   1.000 22.920 0 257 HOH A O     1 ? 
HETATM 394 O  O     . HOH C 3 .  ? 5.957   6.403   3.167   1.000 21.912 0 258 HOH A O     1 ? 
HETATM 395 O  O     . HOH C 3 .  ? 3.933   -10.042 -12.262 1.000 22.403 0 259 HOH A O     1 ? 
HETATM 396 O  O     . HOH C 3 .  ? 11.922  -7.617  -16.752 1.000 20.210 0 260 HOH A O     1 ? 
HETATM 397 O  O     . HOH C 3 .  ? 11.983  -6.432  -20.088 1.000 37.735 0 261 HOH A O     1 ? 
HETATM 398 O  O     . HOH C 3 .  ? -12.737 5.636   15.471  1.000 37.617 0 262 HOH A O     1 ? 
HETATM 399 O  O     . HOH C 3 .  ? -15.020 9.587   2.148   1.000 32.925 0 263 HOH A O     1 ? 
HETATM 400 O  O     . HOH C 3 .  ? -11.186 3.799   3.850   1.000 32.902 0 264 HOH A O     1 ? 
HETATM 401 O  O     . HOH C 3 .  ? 2.010   -3.089  12.263  1.000 28.378 0 265 HOH A O     1 ? 
HETATM 402 O  O     . HOH C 3 .  ? -0.663  8.182   4.086   1.000 31.497 0 266 HOH A O     1 ? 
HETATM 403 O  O     . HOH C 3 .  ? 0.817   -14.156 -9.807  1.000 32.653 0 267 HOH A O     1 ? 
HETATM 404 O  O     . HOH C 3 .  ? 2.896   -7.671  -19.982 0.330 16.991 0 268 HOH A O     1 ? 
HETATM 405 O  O     . HOH C 3 .  ? -4.161  -10.590 -0.006  1.000 26.546 0 269 HOH A O     1 ? 
HETATM 406 O  O     . HOH C 3 .  ? -8.421  6.357   5.451   1.000 30.710 0 270 HOH A O     1 ? 
HETATM 407 O  O     . HOH C 3 .  ? 17.667  -2.481  -19.825 1.000 24.777 0 271 HOH A O     1 ? 
HETATM 408 O  O     . HOH C 3 .  ? -4.318  14.992  10.200  1.000 30.645 0 272 HOH A O     1 ? 
HETATM 409 O  O     . HOH C 3 .  ? 14.604  -5.048  -21.716 1.000 35.705 0 273 HOH A O     1 ? 
HETATM 410 O  O     . HOH C 3 .  ? 4.260   -5.106  1.185   1.000 28.098 0 274 HOH A O     1 ? 
HETATM 411 O  O     . HOH C 3 .  ? 8.465   -9.436  -12.440 1.000 15.595 0 275 HOH A O     1 ? 
HETATM 412 O  O     . HOH C 3 .  ? 9.847   4.182   7.925   0.330 32.950 0 276 HOH A O     1 ? 
HETATM 413 O  O     . HOH C 3 .  ? -8.784  10.308  -0.804  1.000 32.198 0 277 HOH A O     1 ? 
HETATM 414 O  O     . HOH C 3 .  ? 0.263   15.317  2.397   1.000 38.389 0 278 HOH A O     1 ? 
HETATM 415 O  O     . HOH C 3 .  ? 17.597  -5.482  -20.055 1.000 30.716 0 279 HOH A O     1 ? 
HETATM 416 O  O     . HOH C 3 .  ? 3.858   2.075   3.911   1.000 32.608 0 280 HOH A O     1 ? 
HETATM 417 O  O     . HOH C 3 .  ? 4.326   -8.831  -7.047  1.000 22.261 0 281 HOH A O     1 ? 
HETATM 418 O  O     . HOH C 3 .  ? -8.450  5.412   11.303  1.000 29.027 0 282 HOH A O     1 ? 
HETATM 419 O  O     . HOH C 3 .  ? 0.908   0.208   3.666   1.000 30.584 0 283 HOH A O     1 ? 
HETATM 420 O  O     . HOH C 3 .  ? -5.158  -10.286 -2.492  1.000 38.536 0 284 HOH A O     1 ? 
HETATM 421 O  O     . HOH C 3 .  ? -10.910 7.682   16.002  1.000 32.394 0 285 HOH A O     1 ? 
HETATM 422 O  O     . HOH C 3 .  ? -1.543  -3.877  -14.940 0.330 17.059 0 286 HOH A O     1 ? 
HETATM 423 O  O     . HOH C 3 .  ? 4.519   9.670   11.263  1.000 35.743 0 287 HOH A O     1 ? 
HETATM 424 O  O     . HOH C 3 .  ? -13.214 7.568   17.109  0.500 34.260 0 288 HOH A O     1 ? 
HETATM 425 O  O     . HOH C 3 .  ? -17.430 11.235  7.348   1.000 43.467 0 289 HOH A O     1 ? 
HETATM 426 O  O     . HOH C 3 .  ? -3.217  -15.592 -5.360  1.000 42.983 0 290 HOH A O     1 ? 
HETATM 427 O  O     . HOH C 3 .  ? -3.784  15.623  0.939   1.000 37.070 0 291 HOH A O     1 ? 
HETATM 428 O  O     . HOH C 3 .  ? 5.218   8.094   13.169  0.330 35.946 0 292 HOH A O     1 ? 
HETATM 429 O  O     . HOH C 3 .  ? -1.172  3.892   4.007   1.000 21.877 0 293 HOH A O     1 ? 
HETATM 430 O  O     . HOH C 3 .  ? 5.805   -8.763  -20.912 1.000 42.000 0 294 HOH A O     1 ? 
HETATM 431 O  O     . HOH C 3 .  ? 11.039  -1.083  -20.133 1.000 35.011 0 295 HOH A O     1 ? 
HETATM 432 O  O     . HOH C 3 .  ? 3.383   -14.230 -13.286 1.000 29.931 0 296 HOH A O     1 ? 
HETATM 433 O  O     . HOH C 3 .  ? -4.132  6.528   1.778   1.000 37.721 0 297 HOH A O     1 ? 
HETATM 434 O  O     . HOH C 3 .  ? -10.712 1.818   4.816   1.000 39.993 0 298 HOH A O     1 ? 
HETATM 435 O  O     . HOH C 3 .  ? 6.556   -5.038  -2.554  1.000 40.989 0 299 HOH A O     1 ? 
HETATM 436 O  O     . HOH C 3 .  ? -3.443  4.100   3.107   1.000 40.387 0 300 HOH A O     1 ? 
HETATM 437 O  O     . HOH C 3 .  ? 5.685   -10.055 -23.149 0.330 37.214 0 301 HOH A O     1 ? 
# 
